data_8SGE
#
_entry.id   8SGE
#
_cell.length_a   44.900
_cell.length_b   88.490
_cell.length_c   89.220
_cell.angle_alpha   90.00
_cell.angle_beta   104.45
_cell.angle_gamma   90.00
#
_symmetry.space_group_name_H-M   'P 1 21 1'
#
loop_
_entity.id
_entity.type
_entity.pdbx_description
1 polymer 'Kelch domain-containing protein 2'
2 non-polymer GLYCEROL
3 non-polymer '[(5P)-5-{3-[(2R)-butan-2-yl]-7-[(2-methoxyethoxy)carbonyl]-2-oxo-5,6,7,8-tetrahydro-1,7-naphthyridin-1(2H)-yl}-2-oxopyridin-1(2H)-yl]acetic acid'
4 water water
#
_entity_poly.entity_id   1
_entity_poly.type   'polypeptide(L)'
_entity_poly.pdbx_seq_one_letter_code
;GADGNEDLRADDLPGPAFESYESMELACPAERSGHVAVSDGRHMFVWGGYKSNQVRGLYDFYLPREELWIYNMETGRWKK
INTEGDVPPSMSGSCAVCVDRVLYLFGGHHSRGNTNKFYMLDSRSTDRVLQWERIDCQGIPPSSKDKLGVWVYKNKLIFF
GGYGYLPEDKVLGTFEFDETSFWNSSHPRGWNDHVHILDTETFTWSQPITTGKAPSPRAAHACATVGNRGFVFGGRYRDA
RMNDLHYLNLDTWEWNELIPQGICPVGRSWHSLTPVSSDHLFLFGGFTTDKQPLSDAWTYCISKNEWIQFNHPYTEKPRL
WHTACASDEGEVIVFGGCANNLLVHHRAAHSNEILIFSVQPK
;
_entity_poly.pdbx_strand_id   A,B
#
loop_
_chem_comp.id
_chem_comp.type
_chem_comp.name
_chem_comp.formula
GOL non-polymer GLYCEROL 'C3 H8 O3'
ZWS non-polymer '[(5P)-5-{3-[(2R)-butan-2-yl]-7-[(2-methoxyethoxy)carbonyl]-2-oxo-5,6,7,8-tetrahydro-1,7-naphthyridin-1(2H)-yl}-2-oxopyridin-1(2H)-yl]acetic acid' 'C23 H29 N3 O7'
#
# COMPACT_ATOMS: atom_id res chain seq x y z
N LEU A 26 23.01 -9.61 -17.14
CA LEU A 26 23.04 -8.15 -17.04
C LEU A 26 21.80 -7.63 -16.32
N ALA A 27 21.93 -6.54 -15.55
CA ALA A 27 20.79 -5.90 -14.86
C ALA A 27 19.73 -5.50 -15.89
N CYS A 28 18.55 -6.10 -15.80
CA CYS A 28 17.50 -5.80 -16.78
C CYS A 28 16.13 -5.93 -16.14
N PRO A 29 15.26 -4.91 -16.28
CA PRO A 29 13.94 -5.01 -15.65
C PRO A 29 13.08 -6.10 -16.26
N ALA A 30 12.21 -6.68 -15.46
CA ALA A 30 11.28 -7.68 -15.92
C ALA A 30 10.30 -7.05 -16.95
N GLU A 31 9.72 -7.89 -17.79
CA GLU A 31 8.73 -7.49 -18.80
C GLU A 31 7.50 -6.90 -18.10
N ARG A 32 6.82 -5.96 -18.78
CA ARG A 32 5.68 -5.30 -18.19
C ARG A 32 4.94 -4.47 -19.21
N SER A 33 3.64 -4.23 -18.94
CA SER A 33 2.83 -3.28 -19.70
C SER A 33 2.22 -2.30 -18.68
N GLY A 34 1.82 -1.12 -19.14
CA GLY A 34 1.15 -0.17 -18.28
C GLY A 34 2.01 0.51 -17.24
N HIS A 35 3.31 0.37 -17.36
CA HIS A 35 4.29 1.09 -16.53
C HIS A 35 4.38 2.56 -16.99
N VAL A 36 5.20 3.36 -16.27
CA VAL A 36 5.51 4.72 -16.71
C VAL A 36 7.00 4.77 -17.08
N ALA A 37 7.35 5.73 -17.93
CA ALA A 37 8.74 5.99 -18.26
C ALA A 37 8.84 7.44 -18.59
N VAL A 38 9.73 8.10 -17.86
CA VAL A 38 9.95 9.53 -18.03
C VAL A 38 11.44 9.76 -18.21
N SER A 39 11.84 10.92 -18.74
CA SER A 39 13.25 11.11 -18.99
C SER A 39 13.65 12.56 -19.00
N ASP A 40 14.95 12.75 -18.79
CA ASP A 40 15.58 14.08 -18.88
C ASP A 40 16.36 14.23 -20.22
N GLY A 41 16.14 13.31 -21.16
CA GLY A 41 16.87 13.27 -22.43
C GLY A 41 18.11 12.42 -22.40
N ARG A 42 18.55 11.97 -21.21
CA ARG A 42 19.76 11.14 -21.08
C ARG A 42 19.52 9.89 -20.24
N HIS A 43 18.79 10.03 -19.13
CA HIS A 43 18.41 8.90 -18.27
C HIS A 43 16.90 8.72 -18.38
N MET A 44 16.43 7.47 -18.44
CA MET A 44 15.00 7.17 -18.53
C MET A 44 14.61 6.37 -17.29
N PHE A 45 13.64 6.88 -16.54
CA PHE A 45 13.20 6.27 -15.28
C PHE A 45 11.94 5.49 -15.54
N VAL A 46 11.94 4.22 -15.18
CA VAL A 46 10.83 3.30 -15.43
C VAL A 46 10.28 2.83 -14.11
N TRP A 47 8.94 2.86 -13.95
CA TRP A 47 8.34 2.41 -12.69
C TRP A 47 7.00 1.71 -12.97
N GLY A 48 6.68 0.77 -12.11
CA GLY A 48 5.37 0.13 -12.10
C GLY A 48 5.05 -0.80 -13.24
N GLY A 49 3.78 -0.87 -13.55
CA GLY A 49 3.30 -1.79 -14.57
C GLY A 49 2.95 -3.14 -13.99
N TYR A 50 2.50 -4.03 -14.86
CA TYR A 50 2.14 -5.40 -14.47
C TYR A 50 2.61 -6.38 -15.54
N LYS A 51 2.59 -7.67 -15.20
CA LYS A 51 2.92 -8.72 -16.15
C LYS A 51 2.17 -10.01 -15.73
N SER A 52 2.38 -11.12 -16.44
CA SER A 52 1.76 -12.41 -16.12
C SER A 52 2.82 -13.43 -15.64
N ASN A 53 2.37 -14.58 -15.06
CA ASN A 53 3.12 -15.75 -14.56
C ASN A 53 3.37 -15.67 -13.06
N ASP A 60 -1.87 -12.64 -13.22
CA ASP A 60 -1.17 -11.36 -13.38
C ASP A 60 -0.70 -10.79 -12.06
N PHE A 61 0.37 -9.99 -12.10
CA PHE A 61 0.89 -9.36 -10.90
C PHE A 61 1.58 -8.04 -11.20
N TYR A 62 1.52 -7.12 -10.25
CA TYR A 62 2.17 -5.83 -10.41
C TYR A 62 3.63 -5.96 -10.10
N LEU A 63 4.46 -5.21 -10.83
CA LEU A 63 5.91 -5.19 -10.60
C LEU A 63 6.18 -4.49 -9.24
N PRO A 64 7.32 -4.77 -8.59
CA PRO A 64 7.56 -4.21 -7.24
C PRO A 64 7.52 -2.68 -7.16
N ARG A 65 6.68 -2.14 -6.24
CA ARG A 65 6.50 -0.70 -6.08
C ARG A 65 7.76 0.06 -5.72
N GLU A 66 8.66 -0.56 -4.96
CA GLU A 66 9.87 0.12 -4.52
C GLU A 66 10.96 0.24 -5.58
N GLU A 67 10.88 -0.54 -6.66
CA GLU A 67 11.91 -0.50 -7.69
C GLU A 67 11.78 0.70 -8.59
N LEU A 68 12.90 1.32 -8.93
CA LEU A 68 12.94 2.39 -9.93
C LEU A 68 14.07 1.99 -10.85
N TRP A 69 13.74 1.71 -12.12
CA TRP A 69 14.76 1.29 -13.07
C TRP A 69 15.23 2.49 -13.87
N ILE A 70 16.53 2.62 -14.07
CA ILE A 70 17.08 3.74 -14.81
C ILE A 70 17.85 3.21 -15.99
N TYR A 71 17.44 3.59 -17.18
CA TYR A 71 18.10 3.22 -18.41
C TYR A 71 18.95 4.42 -18.84
N ASN A 72 20.24 4.21 -19.06
CA ASN A 72 21.11 5.29 -19.54
C ASN A 72 20.98 5.23 -21.06
N MET A 73 20.38 6.24 -21.68
CA MET A 73 20.14 6.25 -23.13
C MET A 73 21.43 6.27 -23.97
N GLU A 74 22.53 6.79 -23.40
CA GLU A 74 23.80 6.87 -24.12
C GLU A 74 24.55 5.54 -24.13
N THR A 75 24.49 4.77 -23.04
CA THR A 75 25.22 3.50 -22.95
C THR A 75 24.37 2.26 -23.17
N GLY A 76 23.05 2.38 -23.01
CA GLY A 76 22.15 1.25 -23.14
C GLY A 76 22.11 0.36 -21.90
N ARG A 77 22.69 0.82 -20.78
CA ARG A 77 22.73 0.03 -19.56
C ARG A 77 21.63 0.40 -18.59
N TRP A 78 21.22 -0.56 -17.76
CA TRP A 78 20.20 -0.37 -16.74
C TRP A 78 20.79 -0.36 -15.34
N LYS A 79 20.11 0.32 -14.43
CA LYS A 79 20.48 0.33 -13.02
C LYS A 79 19.19 0.28 -12.22
N LYS A 80 19.10 -0.65 -11.27
CA LYS A 80 17.91 -0.76 -10.44
C LYS A 80 18.18 -0.09 -9.12
N ILE A 81 17.30 0.82 -8.70
CA ILE A 81 17.45 1.43 -7.38
C ILE A 81 16.20 1.20 -6.57
N ASN A 82 16.37 1.00 -5.26
CA ASN A 82 15.22 0.79 -4.37
C ASN A 82 14.89 2.08 -3.65
N THR A 83 13.67 2.56 -3.83
CA THR A 83 13.21 3.80 -3.24
C THR A 83 12.57 3.61 -1.89
N GLU A 84 12.51 4.69 -1.12
CA GLU A 84 11.86 4.69 0.18
C GLU A 84 10.88 5.88 0.26
N GLY A 85 10.42 6.21 1.46
CA GLY A 85 9.49 7.32 1.65
C GLY A 85 8.06 6.87 1.43
N ASP A 86 7.24 7.77 0.85
CA ASP A 86 5.82 7.50 0.56
C ASP A 86 5.71 6.74 -0.76
N VAL A 87 6.24 5.51 -0.79
CA VAL A 87 6.24 4.73 -2.02
C VAL A 87 4.81 4.48 -2.52
N PRO A 88 4.50 4.92 -3.74
CA PRO A 88 3.13 4.68 -4.24
C PRO A 88 2.85 3.18 -4.31
N PRO A 89 1.58 2.80 -4.28
CA PRO A 89 1.26 1.38 -4.46
C PRO A 89 1.65 0.95 -5.87
N SER A 90 1.90 -0.36 -6.09
CA SER A 90 2.22 -0.87 -7.43
C SER A 90 1.02 -0.60 -8.34
N MET A 91 1.21 0.03 -9.53
CA MET A 91 0.08 0.36 -10.37
C MET A 91 0.34 0.25 -11.83
N SER A 92 -0.74 0.02 -12.59
CA SER A 92 -0.67 0.14 -14.06
C SER A 92 -1.44 1.42 -14.42
N GLY A 93 -1.13 2.01 -15.58
CA GLY A 93 -1.89 3.15 -16.08
C GLY A 93 -1.68 4.46 -15.37
N SER A 94 -0.61 4.57 -14.53
CA SER A 94 -0.30 5.87 -13.93
C SER A 94 0.18 6.85 -14.98
N CYS A 95 0.18 8.15 -14.64
CA CYS A 95 0.56 9.21 -15.55
C CYS A 95 1.72 9.96 -14.92
N ALA A 96 2.89 9.94 -15.55
CA ALA A 96 4.08 10.58 -14.97
C ALA A 96 4.77 11.57 -15.89
N VAL A 97 5.54 12.51 -15.27
CA VAL A 97 6.34 13.50 -15.96
C VAL A 97 7.68 13.61 -15.26
N CYS A 98 8.67 14.17 -15.98
CA CYS A 98 9.97 14.50 -15.39
C CYS A 98 10.23 15.96 -15.71
N VAL A 99 10.31 16.81 -14.70
CA VAL A 99 10.52 18.24 -14.91
C VAL A 99 11.77 18.63 -14.12
N ASP A 100 12.88 18.99 -14.81
CA ASP A 100 14.15 19.34 -14.15
C ASP A 100 14.59 18.25 -13.14
N ARG A 101 14.48 16.99 -13.56
CA ARG A 101 14.85 15.80 -12.80
C ARG A 101 14.01 15.55 -11.55
N VAL A 102 12.85 16.19 -11.45
CA VAL A 102 11.88 15.89 -10.41
C VAL A 102 10.77 15.14 -11.12
N LEU A 103 10.48 13.93 -10.64
CA LEU A 103 9.44 13.10 -11.25
C LEU A 103 8.13 13.36 -10.53
N TYR A 104 7.03 13.44 -11.28
CA TYR A 104 5.71 13.60 -10.68
C TYR A 104 4.83 12.47 -11.22
N LEU A 105 4.04 11.88 -10.34
CA LEU A 105 3.20 10.72 -10.69
C LEU A 105 1.77 10.99 -10.23
N PHE A 106 0.80 10.79 -11.11
CA PHE A 106 -0.61 10.99 -10.82
C PHE A 106 -1.41 9.78 -11.24
N GLY A 107 -2.39 9.40 -10.41
CA GLY A 107 -3.35 8.36 -10.82
C GLY A 107 -2.77 6.98 -11.01
N GLY A 108 -3.55 6.11 -11.65
CA GLY A 108 -3.17 4.72 -11.83
C GLY A 108 -4.19 3.76 -11.27
N HIS A 109 -3.94 2.46 -11.42
CA HIS A 109 -4.83 1.41 -10.93
C HIS A 109 -4.00 0.43 -10.13
N HIS A 110 -4.30 0.29 -8.85
CA HIS A 110 -3.62 -0.67 -7.96
C HIS A 110 -4.59 -1.85 -7.63
N SER A 111 -4.18 -2.80 -6.76
CA SER A 111 -5.01 -3.97 -6.40
C SER A 111 -6.38 -3.61 -5.83
N ARG A 112 -6.53 -2.41 -5.27
CA ARG A 112 -7.81 -1.96 -4.73
C ARG A 112 -8.49 -0.86 -5.56
N GLY A 113 -8.10 -0.72 -6.82
CA GLY A 113 -8.78 0.21 -7.72
C GLY A 113 -8.01 1.44 -8.15
N ASN A 114 -8.74 2.41 -8.70
CA ASN A 114 -8.14 3.66 -9.18
C ASN A 114 -7.84 4.64 -8.09
N THR A 115 -6.88 5.53 -8.38
CA THR A 115 -6.46 6.55 -7.43
C THR A 115 -6.38 7.92 -8.10
N ASN A 116 -6.41 8.96 -7.27
CA ASN A 116 -6.18 10.34 -7.68
C ASN A 116 -5.05 10.97 -6.86
N LYS A 117 -4.23 10.14 -6.19
CA LYS A 117 -3.09 10.62 -5.44
C LYS A 117 -1.99 11.11 -6.37
N PHE A 118 -1.22 12.07 -5.86
CA PHE A 118 -0.14 12.73 -6.56
C PHE A 118 1.16 12.60 -5.76
N TYR A 119 2.21 12.11 -6.41
CA TYR A 119 3.51 11.90 -5.76
C TYR A 119 4.62 12.63 -6.50
N MET A 120 5.71 12.88 -5.79
CA MET A 120 6.88 13.53 -6.31
C MET A 120 8.09 12.67 -5.92
N LEU A 121 9.07 12.57 -6.81
CA LEU A 121 10.33 11.92 -6.50
C LEU A 121 11.45 12.76 -7.08
N ASP A 122 12.20 13.42 -6.20
CA ASP A 122 13.33 14.21 -6.63
C ASP A 122 14.49 13.26 -6.96
N SER A 123 14.85 13.16 -8.24
CA SER A 123 15.95 12.29 -8.63
C SER A 123 17.28 13.02 -8.80
N ARG A 124 17.37 14.31 -8.45
CA ARG A 124 18.58 15.11 -8.64
C ARG A 124 19.80 14.58 -7.88
N SER A 125 19.64 14.26 -6.59
CA SER A 125 20.74 13.78 -5.76
C SER A 125 21.16 12.37 -6.15
N VAL A 129 19.58 7.80 -0.95
CA VAL A 129 18.39 6.99 -1.26
C VAL A 129 17.26 7.91 -1.72
N LEU A 130 16.64 7.57 -2.86
CA LEU A 130 15.56 8.38 -3.38
C LEU A 130 14.30 8.21 -2.55
N GLN A 131 13.65 9.33 -2.27
CA GLN A 131 12.46 9.35 -1.42
C GLN A 131 11.23 9.82 -2.17
N TRP A 132 10.19 9.00 -2.17
CA TRP A 132 8.93 9.38 -2.73
C TRP A 132 8.23 10.28 -1.72
N GLU A 133 7.55 11.30 -2.20
CA GLU A 133 6.77 12.18 -1.35
C GLU A 133 5.34 12.24 -1.90
N ARG A 134 4.35 11.84 -1.08
CA ARG A 134 2.95 11.96 -1.48
C ARG A 134 2.57 13.40 -1.12
N ILE A 135 2.12 14.17 -2.10
CA ILE A 135 1.78 15.57 -1.87
C ILE A 135 0.33 15.79 -1.46
N ASP A 136 0.11 16.54 -0.38
CA ASP A 136 -1.25 16.91 0.04
C ASP A 136 -1.63 18.12 -0.80
N CYS A 137 -2.28 17.89 -1.94
CA CYS A 137 -2.63 18.99 -2.85
C CYS A 137 -3.81 19.81 -2.35
N GLN A 138 -3.78 21.11 -2.61
CA GLN A 138 -4.90 21.99 -2.33
C GLN A 138 -5.88 21.90 -3.53
N GLY A 139 -7.10 22.38 -3.36
CA GLY A 139 -8.09 22.36 -4.42
C GLY A 139 -8.77 21.02 -4.60
N ILE A 140 -9.68 20.92 -5.59
CA ILE A 140 -10.40 19.68 -5.86
C ILE A 140 -9.61 18.86 -6.87
N PRO A 141 -9.15 17.67 -6.48
CA PRO A 141 -8.36 16.84 -7.41
C PRO A 141 -9.21 16.25 -8.51
N PRO A 142 -8.59 15.71 -9.57
CA PRO A 142 -9.38 15.00 -10.58
C PRO A 142 -10.03 13.76 -9.96
N SER A 143 -10.97 13.17 -10.68
CA SER A 143 -11.58 11.93 -10.23
C SER A 143 -10.48 10.80 -10.30
N SER A 144 -10.65 9.72 -9.52
CA SER A 144 -9.66 8.63 -9.53
C SER A 144 -9.71 7.95 -10.88
N LYS A 145 -8.55 7.79 -11.52
CA LYS A 145 -8.51 7.30 -12.88
C LYS A 145 -7.13 6.87 -13.31
N ASP A 146 -7.06 6.22 -14.46
CA ASP A 146 -5.80 5.80 -15.04
C ASP A 146 -5.89 5.98 -16.58
N LYS A 147 -4.84 5.59 -17.28
CA LYS A 147 -4.82 5.60 -18.75
C LYS A 147 -5.18 6.99 -19.32
N LEU A 148 -4.48 8.02 -18.84
CA LEU A 148 -4.72 9.39 -19.29
C LEU A 148 -3.45 9.98 -19.93
N GLY A 149 -3.36 11.29 -19.96
CA GLY A 149 -2.19 11.95 -20.52
C GLY A 149 -1.96 13.28 -19.85
N VAL A 150 -0.77 13.83 -20.08
CA VAL A 150 -0.41 15.09 -19.44
C VAL A 150 0.48 15.92 -20.37
N TRP A 151 0.32 17.25 -20.26
CA TRP A 151 1.15 18.22 -20.92
C TRP A 151 1.85 19.03 -19.82
N VAL A 152 3.10 19.36 -20.05
CA VAL A 152 3.86 20.19 -19.11
C VAL A 152 4.03 21.56 -19.75
N TYR A 153 3.69 22.62 -19.01
CA TYR A 153 3.81 23.96 -19.55
C TYR A 153 4.13 24.90 -18.41
N LYS A 154 5.37 25.32 -18.38
CA LYS A 154 5.92 26.19 -17.33
C LYS A 154 5.71 25.54 -15.95
N ASN A 155 5.03 26.20 -15.02
CA ASN A 155 4.79 25.67 -13.69
C ASN A 155 3.59 24.71 -13.61
N LYS A 156 2.89 24.50 -14.73
CA LYS A 156 1.69 23.70 -14.72
C LYS A 156 1.85 22.30 -15.27
N LEU A 157 1.18 21.32 -14.63
CA LEU A 157 1.05 19.96 -15.14
C LEU A 157 -0.42 19.89 -15.53
N ILE A 158 -0.72 19.65 -16.81
CA ILE A 158 -2.09 19.71 -17.30
C ILE A 158 -2.51 18.33 -17.72
N PHE A 159 -3.46 17.75 -16.97
CA PHE A 159 -3.91 16.38 -17.18
C PHE A 159 -5.16 16.34 -17.99
N PHE A 160 -5.28 15.32 -18.87
CA PHE A 160 -6.44 15.23 -19.73
C PHE A 160 -6.96 13.81 -19.81
N GLY A 161 -8.25 13.66 -19.62
CA GLY A 161 -8.94 12.39 -19.92
C GLY A 161 -8.70 11.28 -18.93
N GLY A 162 -8.99 10.04 -19.36
CA GLY A 162 -8.76 8.89 -18.50
C GLY A 162 -9.96 8.00 -18.31
N TYR A 163 -9.77 6.94 -17.53
CA TYR A 163 -10.81 5.95 -17.25
C TYR A 163 -10.84 5.72 -15.76
N GLY A 164 -12.03 5.73 -15.17
CA GLY A 164 -12.13 5.54 -13.73
C GLY A 164 -13.53 5.77 -13.21
N TYR A 165 -13.64 6.01 -11.90
CA TYR A 165 -14.95 6.15 -11.28
C TYR A 165 -15.69 7.41 -11.69
N LEU A 166 -17.01 7.41 -11.44
CA LEU A 166 -17.84 8.60 -11.65
C LEU A 166 -17.29 9.71 -10.76
N PRO A 167 -17.04 10.92 -11.29
CA PRO A 167 -16.54 12.00 -10.43
C PRO A 167 -17.45 12.23 -9.19
N GLU A 168 -16.86 12.46 -8.00
CA GLU A 168 -17.65 12.59 -6.76
C GLU A 168 -18.69 13.72 -6.82
N ASP A 169 -18.44 14.72 -7.68
CA ASP A 169 -19.38 15.80 -7.93
C ASP A 169 -19.37 16.19 -9.43
N LYS A 170 -20.45 16.82 -9.91
CA LYS A 170 -20.50 17.30 -11.29
C LYS A 170 -19.50 18.46 -11.40
N VAL A 171 -18.35 18.19 -12.07
CA VAL A 171 -17.26 19.15 -12.30
C VAL A 171 -17.15 19.52 -13.80
N LEU A 172 -16.22 20.44 -14.17
CA LEU A 172 -16.07 20.89 -15.55
C LEU A 172 -15.68 19.77 -16.51
N GLY A 173 -16.54 19.53 -17.48
CA GLY A 173 -16.31 18.50 -18.48
C GLY A 173 -17.40 17.45 -18.48
N THR A 174 -17.18 16.37 -19.22
CA THR A 174 -18.15 15.32 -19.34
C THR A 174 -17.57 13.96 -19.02
N PHE A 175 -18.45 13.07 -18.60
CA PHE A 175 -18.09 11.72 -18.21
C PHE A 175 -19.11 10.79 -18.85
N GLU A 176 -18.61 9.68 -19.43
CA GLU A 176 -19.48 8.71 -20.09
C GLU A 176 -19.19 7.33 -19.50
N PHE A 177 -20.23 6.65 -19.00
CA PHE A 177 -20.04 5.33 -18.42
C PHE A 177 -19.71 4.29 -19.48
N ASP A 178 -18.93 3.30 -19.06
CA ASP A 178 -18.66 2.14 -19.87
C ASP A 178 -19.66 1.10 -19.37
N GLU A 179 -20.72 0.87 -20.15
CA GLU A 179 -21.79 -0.05 -19.73
C GLU A 179 -21.27 -1.46 -19.33
N THR A 180 -20.14 -1.93 -19.93
CA THR A 180 -19.60 -3.25 -19.58
C THR A 180 -19.09 -3.33 -18.12
N SER A 181 -18.77 -2.19 -17.51
CA SER A 181 -18.27 -2.15 -16.13
C SER A 181 -19.33 -2.36 -15.05
N PHE A 182 -20.62 -2.35 -15.43
CA PHE A 182 -21.69 -2.59 -14.47
C PHE A 182 -21.93 -4.10 -14.26
N TRP A 183 -21.53 -4.93 -15.22
CA TRP A 183 -21.81 -6.37 -15.19
C TRP A 183 -20.65 -7.26 -14.69
N ASN A 184 -19.43 -6.72 -14.61
CA ASN A 184 -18.28 -7.52 -14.14
C ASN A 184 -17.53 -6.90 -12.96
N SER A 185 -18.11 -5.89 -12.30
CA SER A 185 -17.44 -5.26 -11.17
C SER A 185 -18.42 -4.67 -10.14
N SER A 186 -17.92 -4.40 -8.94
CA SER A 186 -18.72 -3.80 -7.88
C SER A 186 -18.87 -2.28 -8.11
N HIS A 187 -17.90 -1.65 -8.83
CA HIS A 187 -17.84 -0.21 -9.07
C HIS A 187 -17.76 0.07 -10.59
N PRO A 188 -18.79 0.72 -11.15
CA PRO A 188 -18.74 1.06 -12.58
C PRO A 188 -17.70 2.13 -12.85
N ARG A 189 -17.22 2.17 -14.08
CA ARG A 189 -16.22 3.14 -14.51
C ARG A 189 -16.59 3.68 -15.87
N GLY A 190 -15.94 4.78 -16.24
CA GLY A 190 -16.17 5.41 -17.52
C GLY A 190 -15.05 6.32 -17.95
N TRP A 191 -15.24 6.95 -19.09
CA TRP A 191 -14.24 7.83 -19.66
C TRP A 191 -14.58 9.29 -19.41
N ASN A 192 -13.55 10.14 -19.35
CA ASN A 192 -13.78 11.56 -19.19
C ASN A 192 -12.97 12.37 -20.21
N ASP A 193 -13.39 13.62 -20.42
CA ASP A 193 -12.66 14.59 -21.26
C ASP A 193 -12.12 15.73 -20.38
N HIS A 194 -11.97 15.50 -19.07
CA HIS A 194 -11.59 16.56 -18.16
C HIS A 194 -10.21 17.08 -18.37
N VAL A 195 -10.06 18.39 -18.17
CA VAL A 195 -8.75 19.03 -18.17
C VAL A 195 -8.56 19.54 -16.73
N HIS A 196 -7.47 19.14 -16.08
CA HIS A 196 -7.16 19.65 -14.73
C HIS A 196 -5.72 20.17 -14.74
N ILE A 197 -5.48 21.22 -13.99
CA ILE A 197 -4.13 21.76 -13.84
C ILE A 197 -3.68 21.50 -12.41
N LEU A 198 -2.45 21.00 -12.25
CA LEU A 198 -1.78 20.90 -10.95
C LEU A 198 -0.71 21.98 -11.07
N ASP A 199 -0.84 23.05 -10.30
CA ASP A 199 0.11 24.16 -10.34
C ASP A 199 1.24 23.82 -9.38
N THR A 200 2.47 23.61 -9.89
CA THR A 200 3.59 23.25 -9.03
C THR A 200 4.07 24.40 -8.15
N GLU A 201 3.63 25.65 -8.37
CA GLU A 201 4.04 26.75 -7.48
C GLU A 201 3.40 26.57 -6.08
N THR A 202 2.21 25.97 -6.01
CA THR A 202 1.47 25.83 -4.75
C THR A 202 0.90 24.42 -4.52
N PHE A 203 1.11 23.49 -5.48
CA PHE A 203 0.52 22.15 -5.48
C PHE A 203 -1.00 22.27 -5.30
N THR A 204 -1.63 23.12 -6.12
CA THR A 204 -3.07 23.33 -6.06
C THR A 204 -3.70 22.86 -7.37
N TRP A 205 -4.78 22.11 -7.26
CA TRP A 205 -5.55 21.66 -8.41
C TRP A 205 -6.56 22.73 -8.82
N SER A 206 -6.80 22.84 -10.11
CA SER A 206 -7.81 23.74 -10.66
C SER A 206 -8.23 23.22 -12.03
N GLN A 207 -9.28 23.83 -12.60
CA GLN A 207 -9.73 23.47 -13.93
C GLN A 207 -9.86 24.74 -14.73
N PRO A 208 -9.21 24.80 -15.88
CA PRO A 208 -9.36 26.01 -16.72
C PRO A 208 -10.69 25.97 -17.46
N ILE A 209 -11.20 27.16 -17.79
CA ILE A 209 -12.40 27.28 -18.58
C ILE A 209 -11.90 27.25 -20.02
N THR A 210 -12.24 26.20 -20.76
CA THR A 210 -11.81 26.09 -22.14
C THR A 210 -12.85 26.60 -23.14
N THR A 211 -12.40 26.92 -24.36
CA THR A 211 -13.25 27.27 -25.48
C THR A 211 -12.96 26.26 -26.61
N GLY A 212 -13.84 26.20 -27.60
CA GLY A 212 -13.72 25.24 -28.67
C GLY A 212 -14.27 23.90 -28.28
N LYS A 213 -14.33 22.98 -29.23
CA LYS A 213 -14.88 21.65 -28.97
C LYS A 213 -13.78 20.75 -28.42
N ALA A 214 -13.93 20.28 -27.17
CA ALA A 214 -12.94 19.38 -26.61
C ALA A 214 -13.04 18.04 -27.36
N PRO A 215 -11.98 17.22 -27.40
CA PRO A 215 -12.14 15.87 -27.95
C PRO A 215 -13.16 15.13 -27.07
N SER A 216 -13.78 14.09 -27.60
CA SER A 216 -14.70 13.28 -26.79
C SER A 216 -13.96 12.73 -25.53
N PRO A 217 -14.70 12.34 -24.50
CA PRO A 217 -14.06 11.60 -23.38
C PRO A 217 -13.26 10.39 -23.92
N ARG A 218 -12.14 10.06 -23.32
CA ARG A 218 -11.32 8.96 -23.85
C ARG A 218 -10.27 8.54 -22.83
N ALA A 219 -9.76 7.32 -23.01
CA ALA A 219 -8.64 6.85 -22.22
C ALA A 219 -7.68 6.13 -23.18
N ALA A 220 -6.41 5.95 -22.74
CA ALA A 220 -5.39 5.30 -23.56
C ALA A 220 -5.09 6.07 -24.86
N HIS A 221 -5.41 7.38 -24.84
CA HIS A 221 -5.02 8.34 -25.87
C HIS A 221 -3.53 8.67 -25.57
N ALA A 222 -2.88 9.42 -26.45
CA ALA A 222 -1.49 9.85 -26.20
C ALA A 222 -1.40 11.34 -26.34
N CYS A 223 -0.66 11.97 -25.41
CA CYS A 223 -0.45 13.41 -25.37
C CYS A 223 0.99 13.73 -25.67
N ALA A 224 1.23 14.87 -26.31
CA ALA A 224 2.59 15.31 -26.58
C ALA A 224 2.54 16.84 -26.55
N THR A 225 3.58 17.48 -26.00
CA THR A 225 3.58 18.95 -25.92
C THR A 225 4.69 19.54 -26.77
N VAL A 226 4.38 20.61 -27.52
CA VAL A 226 5.41 21.36 -28.24
C VAL A 226 5.04 22.83 -28.03
N GLY A 227 5.91 23.57 -27.37
CA GLY A 227 5.65 24.97 -27.03
C GLY A 227 4.41 25.10 -26.15
N ASN A 228 3.47 25.93 -26.60
CA ASN A 228 2.20 26.10 -25.88
C ASN A 228 1.08 25.25 -26.49
N ARG A 229 1.43 24.22 -27.27
CA ARG A 229 0.40 23.36 -27.85
C ARG A 229 0.42 21.98 -27.23
N GLY A 230 -0.70 21.60 -26.64
CA GLY A 230 -0.83 20.29 -26.04
C GLY A 230 -1.58 19.36 -26.97
N PHE A 231 -0.87 18.58 -27.74
CA PHE A 231 -1.49 17.65 -28.71
C PHE A 231 -2.05 16.42 -28.04
N VAL A 232 -3.13 15.88 -28.63
CA VAL A 232 -3.70 14.62 -28.17
C VAL A 232 -4.15 13.83 -29.39
N PHE A 233 -3.75 12.55 -29.47
CA PHE A 233 -4.13 11.73 -30.61
C PHE A 233 -4.78 10.43 -30.16
N GLY A 234 -5.85 10.06 -30.84
CA GLY A 234 -6.49 8.77 -30.63
C GLY A 234 -7.01 8.48 -29.22
N GLY A 235 -7.07 7.20 -28.90
CA GLY A 235 -7.61 6.73 -27.63
C GLY A 235 -8.92 5.97 -27.80
N ARG A 236 -9.39 5.37 -26.72
CA ARG A 236 -10.61 4.56 -26.71
C ARG A 236 -11.77 5.39 -26.17
N TYR A 237 -12.92 5.29 -26.81
CA TYR A 237 -14.15 5.90 -26.36
C TYR A 237 -15.27 5.02 -26.86
N ARG A 238 -16.09 4.52 -25.94
CA ARG A 238 -17.22 3.62 -26.29
C ARG A 238 -16.70 2.37 -27.05
N ASP A 239 -17.17 2.06 -28.28
CA ASP A 239 -16.66 0.88 -29.00
C ASP A 239 -15.58 1.23 -30.01
N ALA A 240 -14.99 2.44 -29.95
CA ALA A 240 -14.01 2.84 -30.95
C ALA A 240 -12.64 3.15 -30.38
N ARG A 241 -11.61 2.91 -31.18
CA ARG A 241 -10.25 3.34 -30.93
C ARG A 241 -10.02 4.31 -32.07
N MET A 242 -9.87 5.58 -31.68
CA MET A 242 -9.97 6.74 -32.56
C MET A 242 -8.71 7.23 -33.27
N ASN A 243 -8.94 7.94 -34.41
CA ASN A 243 -7.88 8.44 -35.28
C ASN A 243 -7.80 9.97 -35.32
N ASP A 244 -8.45 10.66 -34.36
CA ASP A 244 -8.50 12.09 -34.36
C ASP A 244 -7.33 12.75 -33.65
N LEU A 245 -7.01 13.96 -34.12
CA LEU A 245 -5.87 14.71 -33.59
C LEU A 245 -6.35 16.09 -33.21
N HIS A 246 -6.06 16.52 -31.98
CA HIS A 246 -6.44 17.84 -31.54
C HIS A 246 -5.27 18.46 -30.79
N TYR A 247 -5.35 19.77 -30.51
CA TYR A 247 -4.41 20.38 -29.57
C TYR A 247 -5.13 21.40 -28.71
N LEU A 248 -4.72 21.50 -27.47
CA LEU A 248 -5.25 22.51 -26.57
C LEU A 248 -4.17 23.61 -26.51
N ASN A 249 -4.56 24.87 -26.72
CA ASN A 249 -3.61 25.98 -26.59
C ASN A 249 -3.43 26.18 -25.08
N LEU A 250 -2.22 25.99 -24.56
CA LEU A 250 -1.96 26.01 -23.13
C LEU A 250 -1.83 27.42 -22.54
N ASP A 251 -1.97 28.46 -23.37
CA ASP A 251 -1.96 29.86 -22.94
C ASP A 251 -3.43 30.35 -22.88
N THR A 252 -4.20 30.07 -23.93
CA THR A 252 -5.58 30.59 -24.06
C THR A 252 -6.68 29.62 -23.67
N TRP A 253 -6.35 28.33 -23.58
CA TRP A 253 -7.29 27.27 -23.27
C TRP A 253 -8.32 27.06 -24.37
N GLU A 254 -7.92 27.30 -25.62
CA GLU A 254 -8.76 27.04 -26.77
C GLU A 254 -8.41 25.68 -27.40
N TRP A 255 -9.42 24.81 -27.60
CA TRP A 255 -9.25 23.54 -28.26
C TRP A 255 -9.28 23.75 -29.77
N ASN A 256 -8.46 22.99 -30.49
CA ASN A 256 -8.40 23.04 -31.94
C ASN A 256 -8.39 21.62 -32.49
N GLU A 257 -9.17 21.34 -33.54
CA GLU A 257 -9.12 20.04 -34.19
C GLU A 257 -8.20 20.14 -35.40
N LEU A 258 -7.29 19.18 -35.59
CA LEU A 258 -6.41 19.17 -36.74
C LEU A 258 -6.92 18.17 -37.72
N ILE A 259 -7.04 18.58 -38.99
CA ILE A 259 -7.50 17.70 -40.06
C ILE A 259 -6.37 17.59 -41.07
N PRO A 260 -5.40 16.68 -40.87
CA PRO A 260 -4.31 16.56 -41.84
C PRO A 260 -4.85 16.03 -43.17
N GLN A 261 -4.33 16.54 -44.27
CA GLN A 261 -4.79 16.07 -45.58
C GLN A 261 -3.99 14.86 -46.01
N GLY A 262 -4.63 14.03 -46.81
CA GLY A 262 -3.99 12.82 -47.29
C GLY A 262 -4.12 11.69 -46.28
N ILE A 263 -3.24 10.74 -46.40
CA ILE A 263 -3.27 9.54 -45.58
C ILE A 263 -2.95 9.81 -44.12
N CYS A 264 -3.78 9.26 -43.23
CA CYS A 264 -3.60 9.38 -41.79
C CYS A 264 -3.45 8.00 -41.18
N PRO A 265 -2.79 7.89 -40.02
CA PRO A 265 -2.65 6.57 -39.39
C PRO A 265 -3.99 6.02 -38.93
N VAL A 266 -4.06 4.68 -38.87
CA VAL A 266 -5.28 4.02 -38.42
C VAL A 266 -5.59 4.40 -36.96
N GLY A 267 -6.88 4.50 -36.63
CA GLY A 267 -7.32 4.76 -35.27
C GLY A 267 -6.80 3.72 -34.29
N ARG A 268 -6.45 4.19 -33.08
CA ARG A 268 -5.85 3.28 -32.12
C ARG A 268 -5.87 3.85 -30.71
N SER A 269 -5.59 2.97 -29.75
CA SER A 269 -5.34 3.35 -28.36
C SER A 269 -4.01 2.69 -27.93
N TRP A 270 -3.50 3.03 -26.76
CA TRP A 270 -2.32 2.39 -26.18
C TRP A 270 -1.03 2.56 -27.03
N HIS A 271 -1.02 3.61 -27.84
CA HIS A 271 0.10 4.02 -28.67
C HIS A 271 0.90 5.09 -27.92
N SER A 272 2.09 5.41 -28.44
CA SER A 272 2.88 6.49 -27.90
C SER A 272 2.94 7.63 -28.94
N LEU A 273 3.02 8.88 -28.45
CA LEU A 273 3.13 10.07 -29.30
C LEU A 273 4.17 10.95 -28.61
N THR A 274 5.34 11.11 -29.24
CA THR A 274 6.48 11.75 -28.57
C THR A 274 6.99 12.93 -29.36
N PRO A 275 7.16 14.10 -28.73
CA PRO A 275 7.77 15.22 -29.50
C PRO A 275 9.24 14.90 -29.76
N VAL A 276 9.71 15.09 -31.00
CA VAL A 276 11.12 14.87 -31.34
C VAL A 276 11.84 16.13 -31.83
N SER A 277 11.11 17.19 -32.05
CA SER A 277 11.67 18.47 -32.47
C SER A 277 10.60 19.54 -32.21
N SER A 278 10.91 20.81 -32.51
CA SER A 278 9.92 21.85 -32.39
C SER A 278 8.82 21.72 -33.47
N ASP A 279 8.92 20.74 -34.40
CA ASP A 279 7.96 20.62 -35.47
C ASP A 279 7.49 19.19 -35.77
N HIS A 280 7.89 18.19 -34.93
CA HIS A 280 7.53 16.82 -35.26
C HIS A 280 7.14 16.00 -34.04
N LEU A 281 6.08 15.20 -34.19
CA LEU A 281 5.62 14.27 -33.15
C LEU A 281 5.82 12.88 -33.73
N PHE A 282 6.31 11.94 -32.93
CA PHE A 282 6.59 10.59 -33.41
C PHE A 282 5.57 9.64 -32.79
N LEU A 283 4.86 8.91 -33.63
CA LEU A 283 3.82 7.98 -33.24
C LEU A 283 4.30 6.54 -33.43
N PHE A 284 4.07 5.69 -32.42
CA PHE A 284 4.38 4.27 -32.58
C PHE A 284 3.38 3.37 -31.89
N GLY A 285 3.06 2.27 -32.59
CA GLY A 285 2.32 1.15 -32.04
C GLY A 285 0.88 1.42 -31.68
N GLY A 286 0.36 0.60 -30.77
CA GLY A 286 -1.03 0.74 -30.37
C GLY A 286 -1.89 -0.46 -30.72
N PHE A 287 -3.18 -0.26 -30.65
CA PHE A 287 -4.18 -1.31 -30.78
C PHE A 287 -5.39 -0.77 -31.50
N THR A 288 -5.84 -1.40 -32.59
CA THR A 288 -6.95 -0.88 -33.37
C THR A 288 -8.32 -1.24 -32.77
N THR A 289 -9.40 -0.67 -33.32
CA THR A 289 -10.76 -0.97 -32.89
C THR A 289 -11.03 -2.48 -33.00
N ASP A 290 -10.48 -3.11 -34.06
CA ASP A 290 -10.63 -4.53 -34.33
CA ASP A 290 -10.71 -4.55 -34.23
C ASP A 290 -9.55 -5.39 -33.69
N LYS A 291 -8.91 -4.89 -32.62
CA LYS A 291 -7.93 -5.60 -31.82
C LYS A 291 -6.66 -6.06 -32.53
N GLN A 292 -6.17 -5.28 -33.50
CA GLN A 292 -4.91 -5.59 -34.14
C GLN A 292 -3.79 -4.84 -33.38
N PRO A 293 -2.78 -5.55 -32.87
CA PRO A 293 -1.61 -4.86 -32.31
C PRO A 293 -0.85 -4.23 -33.50
N LEU A 294 -0.33 -3.01 -33.29
CA LEU A 294 0.34 -2.25 -34.34
C LEU A 294 1.83 -2.12 -34.17
N SER A 295 2.54 -2.17 -35.30
CA SER A 295 3.98 -1.92 -35.35
C SER A 295 4.31 -0.77 -36.30
N ASP A 296 3.30 -0.02 -36.79
CA ASP A 296 3.58 1.10 -37.69
C ASP A 296 4.09 2.30 -36.88
N ALA A 297 4.88 3.13 -37.53
CA ALA A 297 5.41 4.34 -36.92
C ALA A 297 5.25 5.48 -37.91
N TRP A 298 5.00 6.68 -37.41
CA TRP A 298 4.78 7.83 -38.27
C TRP A 298 5.33 9.07 -37.60
N THR A 299 5.55 10.11 -38.40
CA THR A 299 5.87 11.41 -37.85
C THR A 299 4.79 12.38 -38.29
N TYR A 300 4.28 13.20 -37.37
CA TYR A 300 3.33 14.23 -37.71
C TYR A 300 4.13 15.51 -37.75
N CYS A 301 4.11 16.18 -38.89
CA CYS A 301 4.83 17.43 -39.07
C CYS A 301 3.83 18.52 -38.81
N ILE A 302 4.10 19.32 -37.79
CA ILE A 302 3.15 20.32 -37.34
C ILE A 302 3.01 21.45 -38.37
N SER A 303 4.13 21.90 -38.92
CA SER A 303 4.12 22.99 -39.90
C SER A 303 3.42 22.63 -41.18
N LYS A 304 3.55 21.37 -41.62
CA LYS A 304 2.89 20.93 -42.86
C LYS A 304 1.48 20.37 -42.61
N ASN A 305 1.14 20.06 -41.33
CA ASN A 305 -0.13 19.43 -40.92
C ASN A 305 -0.28 18.12 -41.73
N GLU A 306 0.77 17.30 -41.70
CA GLU A 306 0.80 16.08 -42.50
C GLU A 306 1.48 14.95 -41.74
N TRP A 307 1.02 13.73 -41.99
CA TRP A 307 1.63 12.53 -41.44
C TRP A 307 2.53 11.92 -42.50
N ILE A 308 3.71 11.46 -42.07
CA ILE A 308 4.69 10.80 -42.94
C ILE A 308 5.00 9.45 -42.30
N GLN A 309 4.71 8.32 -42.97
CA GLN A 309 5.01 7.01 -42.38
C GLN A 309 6.52 6.84 -42.24
N PHE A 310 6.97 6.29 -41.12
CA PHE A 310 8.37 6.12 -40.75
C PHE A 310 8.78 4.67 -40.91
N ASN A 311 9.76 4.41 -41.78
CA ASN A 311 10.27 3.05 -41.96
C ASN A 311 11.26 2.72 -40.87
N HIS A 312 11.16 1.51 -40.31
CA HIS A 312 11.99 1.13 -39.19
C HIS A 312 12.19 -0.41 -39.16
N PRO A 313 13.15 -0.92 -38.37
CA PRO A 313 13.41 -2.38 -38.37
C PRO A 313 12.58 -3.21 -37.41
N TYR A 314 11.51 -2.64 -36.83
CA TYR A 314 10.70 -3.37 -35.86
C TYR A 314 9.28 -3.70 -36.35
N THR A 315 9.08 -3.96 -37.67
CA THR A 315 7.73 -4.31 -38.16
C THR A 315 7.18 -5.57 -37.51
N GLU A 316 8.06 -6.50 -37.09
CA GLU A 316 7.62 -7.71 -36.41
C GLU A 316 7.58 -7.58 -34.88
N LYS A 317 7.68 -6.33 -34.36
CA LYS A 317 7.58 -6.08 -32.94
C LYS A 317 6.49 -5.06 -32.64
N PRO A 318 5.22 -5.42 -32.92
CA PRO A 318 4.13 -4.52 -32.52
C PRO A 318 4.10 -4.38 -31.01
N ARG A 319 3.71 -3.20 -30.52
CA ARG A 319 3.63 -2.98 -29.09
C ARG A 319 2.40 -2.15 -28.76
N LEU A 320 1.72 -2.48 -27.67
CA LEU A 320 0.63 -1.68 -27.12
C LEU A 320 0.84 -1.55 -25.63
N TRP A 321 0.59 -0.33 -25.12
CA TRP A 321 0.81 -0.03 -23.69
C TRP A 321 2.29 -0.03 -23.28
N HIS A 322 3.16 0.21 -24.25
CA HIS A 322 4.58 0.44 -24.07
C HIS A 322 4.72 1.93 -23.67
N THR A 323 5.95 2.35 -23.40
CA THR A 323 6.23 3.77 -23.19
C THR A 323 7.24 4.21 -24.26
N ALA A 324 7.35 5.51 -24.49
CA ALA A 324 8.36 6.06 -25.39
C ALA A 324 8.93 7.35 -24.82
N CYS A 325 10.24 7.47 -24.88
CA CYS A 325 10.91 8.70 -24.40
C CYS A 325 11.87 9.16 -25.45
N ALA A 326 11.92 10.46 -25.72
CA ALA A 326 12.86 11.01 -26.69
C ALA A 326 14.21 11.24 -26.00
N SER A 327 15.32 10.98 -26.69
CA SER A 327 16.64 11.27 -26.12
C SER A 327 17.16 12.58 -26.72
N ASP A 328 18.19 13.16 -26.08
CA ASP A 328 18.88 14.34 -26.59
C ASP A 328 19.63 14.06 -27.90
N GLU A 329 19.73 12.78 -28.33
CA GLU A 329 20.43 12.43 -29.56
C GLU A 329 19.51 12.13 -30.74
N GLY A 330 18.25 12.56 -30.65
CA GLY A 330 17.30 12.38 -31.73
C GLY A 330 16.67 11.01 -31.83
N GLU A 331 16.84 10.17 -30.80
CA GLU A 331 16.25 8.84 -30.83
C GLU A 331 14.97 8.80 -30.01
N VAL A 332 14.09 7.84 -30.30
CA VAL A 332 12.92 7.58 -29.45
C VAL A 332 13.12 6.19 -28.87
N ILE A 333 13.14 6.10 -27.54
CA ILE A 333 13.37 4.86 -26.82
C ILE A 333 12.05 4.29 -26.36
N VAL A 334 11.66 3.16 -26.91
CA VAL A 334 10.43 2.45 -26.56
C VAL A 334 10.76 1.32 -25.62
N PHE A 335 9.99 1.17 -24.53
CA PHE A 335 10.23 0.09 -23.58
C PHE A 335 8.91 -0.58 -23.22
N GLY A 336 8.97 -1.90 -23.01
CA GLY A 336 7.85 -2.65 -22.51
C GLY A 336 6.65 -2.73 -23.41
N GLY A 337 5.49 -2.88 -22.80
CA GLY A 337 4.27 -3.05 -23.55
C GLY A 337 4.07 -4.49 -23.97
N CYS A 338 2.97 -4.75 -24.63
CA CYS A 338 2.56 -6.09 -25.00
C CYS A 338 2.56 -6.27 -26.53
N ALA A 339 3.01 -7.46 -27.02
CA ALA A 339 3.07 -7.67 -28.47
C ALA A 339 1.77 -8.16 -29.10
N ASN A 340 0.82 -8.61 -28.27
CA ASN A 340 -0.44 -9.13 -28.77
C ASN A 340 -1.64 -8.54 -27.99
N ASN A 341 -2.84 -9.09 -28.21
CA ASN A 341 -4.02 -8.64 -27.49
C ASN A 341 -3.87 -9.00 -26.02
N LEU A 342 -3.51 -7.99 -25.20
CA LEU A 342 -3.34 -8.27 -23.76
C LEU A 342 -4.63 -8.55 -23.02
N LEU A 343 -5.79 -8.34 -23.65
CA LEU A 343 -7.07 -8.66 -23.03
C LEU A 343 -7.26 -10.18 -22.90
N VAL A 344 -6.48 -11.01 -23.61
CA VAL A 344 -6.51 -12.45 -23.40
C VAL A 344 -5.33 -12.66 -22.45
N HIS A 345 -5.59 -12.51 -21.14
CA HIS A 345 -4.51 -12.47 -20.16
C HIS A 345 -3.56 -13.64 -20.17
N HIS A 346 -4.07 -14.89 -20.34
CA HIS A 346 -3.21 -16.08 -20.31
C HIS A 346 -2.31 -16.25 -21.53
N ARG A 347 -2.54 -15.48 -22.59
CA ARG A 347 -1.67 -15.53 -23.77
C ARG A 347 -0.88 -14.21 -23.95
N ALA A 348 -1.13 -13.17 -23.10
CA ALA A 348 -0.44 -11.87 -23.26
C ALA A 348 1.09 -11.99 -23.34
N ALA A 349 1.70 -11.34 -24.32
CA ALA A 349 3.15 -11.38 -24.54
C ALA A 349 3.78 -10.05 -24.12
N HIS A 350 3.87 -9.84 -22.82
CA HIS A 350 4.50 -8.63 -22.28
C HIS A 350 6.00 -8.66 -22.60
N SER A 351 6.56 -7.47 -22.81
CA SER A 351 7.95 -7.38 -23.23
C SER A 351 8.82 -6.59 -22.29
N ASN A 352 10.13 -6.89 -22.28
CA ASN A 352 11.10 -6.05 -21.60
C ASN A 352 12.13 -5.49 -22.63
N GLU A 353 11.78 -5.50 -23.93
CA GLU A 353 12.69 -5.02 -24.95
C GLU A 353 12.73 -3.52 -25.05
N ILE A 354 13.91 -3.01 -25.38
CA ILE A 354 14.14 -1.61 -25.72
C ILE A 354 14.15 -1.60 -27.25
N LEU A 355 13.29 -0.78 -27.85
CA LEU A 355 13.23 -0.59 -29.29
C LEU A 355 13.76 0.84 -29.51
N ILE A 356 14.81 1.02 -30.33
CA ILE A 356 15.39 2.36 -30.54
C ILE A 356 15.06 2.87 -31.94
N PHE A 357 14.33 3.98 -32.03
CA PHE A 357 13.99 4.57 -33.31
C PHE A 357 14.89 5.78 -33.62
N SER A 358 15.58 5.79 -34.79
CA SER A 358 16.47 6.91 -35.12
C SER A 358 15.62 7.90 -35.91
N VAL A 359 14.93 8.79 -35.21
CA VAL A 359 13.96 9.70 -35.83
C VAL A 359 14.60 10.94 -36.46
N GLN A 360 15.37 11.71 -35.69
CA GLN A 360 15.99 12.94 -36.20
C GLN A 360 17.52 12.80 -36.13
N ALA B 27 -24.17 0.28 12.66
CA ALA B 27 -22.99 -0.19 11.93
C ALA B 27 -22.15 -1.10 12.81
N CYS B 28 -21.60 -2.17 12.24
CA CYS B 28 -20.84 -3.16 12.98
C CYS B 28 -19.68 -3.65 12.14
N PRO B 29 -18.47 -3.74 12.70
CA PRO B 29 -17.33 -4.17 11.87
C PRO B 29 -17.43 -5.61 11.47
N ALA B 30 -16.87 -5.94 10.31
CA ALA B 30 -16.81 -7.30 9.83
C ALA B 30 -15.95 -8.16 10.78
N GLU B 31 -16.20 -9.46 10.76
CA GLU B 31 -15.46 -10.44 11.55
C GLU B 31 -13.98 -10.43 11.13
N ARG B 32 -13.09 -10.72 12.07
CA ARG B 32 -11.66 -10.67 11.79
C ARG B 32 -10.86 -11.29 12.91
N SER B 33 -9.65 -11.75 12.58
CA SER B 33 -8.65 -12.16 13.56
C SER B 33 -7.36 -11.39 13.25
N GLY B 34 -6.49 -11.27 14.24
CA GLY B 34 -5.18 -10.64 14.02
C GLY B 34 -5.21 -9.13 13.84
N HIS B 35 -6.34 -8.51 14.14
CA HIS B 35 -6.47 -7.06 14.15
C HIS B 35 -5.80 -6.49 15.43
N VAL B 36 -5.82 -5.14 15.56
CA VAL B 36 -5.37 -4.51 16.80
C VAL B 36 -6.58 -3.82 17.44
N ALA B 37 -6.52 -3.64 18.77
CA ALA B 37 -7.53 -2.86 19.47
C ALA B 37 -6.85 -2.22 20.64
N VAL B 38 -6.98 -0.92 20.70
CA VAL B 38 -6.38 -0.13 21.76
C VAL B 38 -7.46 0.76 22.35
N SER B 39 -7.22 1.31 23.55
CA SER B 39 -8.29 2.10 24.14
C SER B 39 -7.80 3.12 25.10
N ASP B 40 -8.66 4.12 25.34
CA ASP B 40 -8.39 5.15 26.33
C ASP B 40 -9.23 4.91 27.62
N GLY B 41 -9.84 3.72 27.76
CA GLY B 41 -10.72 3.34 28.85
C GLY B 41 -12.19 3.65 28.57
N ARG B 42 -12.48 4.39 27.47
CA ARG B 42 -13.86 4.73 27.12
C ARG B 42 -14.18 4.38 25.65
N HIS B 43 -13.26 4.69 24.72
CA HIS B 43 -13.40 4.36 23.31
C HIS B 43 -12.35 3.30 22.97
N MET B 44 -12.72 2.30 22.17
CA MET B 44 -11.81 1.25 21.75
C MET B 44 -11.65 1.33 20.24
N PHE B 45 -10.42 1.53 19.77
CA PHE B 45 -10.08 1.72 18.36
C PHE B 45 -9.65 0.38 17.80
N VAL B 46 -10.28 -0.08 16.72
CA VAL B 46 -10.00 -1.37 16.10
C VAL B 46 -9.52 -1.14 14.69
N TRP B 47 -8.41 -1.79 14.30
CA TRP B 47 -7.88 -1.63 12.96
C TRP B 47 -7.33 -2.96 12.43
N GLY B 48 -7.41 -3.14 11.13
CA GLY B 48 -6.76 -4.25 10.45
C GLY B 48 -7.34 -5.63 10.67
N GLY B 49 -6.47 -6.60 10.58
CA GLY B 49 -6.88 -7.98 10.68
C GLY B 49 -7.24 -8.57 9.34
N TYR B 50 -7.62 -9.85 9.36
CA TYR B 50 -8.02 -10.54 8.14
C TYR B 50 -9.24 -11.44 8.45
N LYS B 51 -9.93 -11.89 7.42
CA LYS B 51 -11.04 -12.82 7.53
C LYS B 51 -11.06 -13.71 6.26
N SER B 52 -11.99 -14.66 6.18
CA SER B 52 -12.14 -15.50 4.99
C SER B 52 -13.41 -15.12 4.22
N ASN B 53 -13.48 -15.60 2.95
CA ASN B 53 -14.55 -15.43 1.95
C ASN B 53 -14.39 -14.19 1.12
N ASP B 60 -8.74 -16.00 1.84
CA ASP B 60 -8.59 -14.99 2.92
C ASP B 60 -8.34 -13.60 2.36
N PHE B 61 -8.71 -12.57 3.13
CA PHE B 61 -8.44 -11.20 2.73
C PHE B 61 -8.29 -10.28 3.92
N TYR B 62 -7.46 -9.26 3.76
CA TYR B 62 -7.26 -8.30 4.83
C TYR B 62 -8.41 -7.31 4.82
N LEU B 63 -8.81 -6.86 6.02
CA LEU B 63 -9.86 -5.87 6.17
C LEU B 63 -9.34 -4.52 5.62
N PRO B 64 -10.23 -3.61 5.16
CA PRO B 64 -9.76 -2.35 4.55
C PRO B 64 -8.83 -1.50 5.44
N ARG B 65 -7.63 -1.14 4.91
CA ARG B 65 -6.62 -0.38 5.65
C ARG B 65 -7.08 0.99 6.12
N GLU B 66 -7.96 1.63 5.35
CA GLU B 66 -8.41 2.98 5.68
C GLU B 66 -9.43 3.05 6.79
N GLU B 67 -10.10 1.92 7.11
CA GLU B 67 -11.13 1.93 8.13
C GLU B 67 -10.57 1.93 9.53
N LEU B 68 -11.17 2.73 10.40
CA LEU B 68 -10.84 2.70 11.82
C LEU B 68 -12.18 2.58 12.53
N TRP B 69 -12.39 1.48 13.25
CA TRP B 69 -13.66 1.26 13.93
C TRP B 69 -13.53 1.69 15.39
N ILE B 70 -14.51 2.43 15.90
CA ILE B 70 -14.46 2.90 17.27
C ILE B 70 -15.66 2.36 18.01
N TYR B 71 -15.43 1.60 19.05
CA TYR B 71 -16.46 1.03 19.90
C TYR B 71 -16.53 1.92 21.14
N ASN B 72 -17.72 2.45 21.45
CA ASN B 72 -17.89 3.24 22.67
C ASN B 72 -18.21 2.23 23.75
N MET B 73 -17.31 2.04 24.72
CA MET B 73 -17.50 1.05 25.77
C MET B 73 -18.69 1.34 26.70
N GLU B 74 -19.09 2.61 26.82
CA GLU B 74 -20.20 3.00 27.69
C GLU B 74 -21.56 2.71 27.04
N THR B 75 -21.69 2.89 25.72
CA THR B 75 -22.98 2.70 25.03
C THR B 75 -23.08 1.37 24.26
N GLY B 76 -21.95 0.76 23.94
CA GLY B 76 -21.94 -0.47 23.15
C GLY B 76 -22.11 -0.22 21.65
N ARG B 77 -22.02 1.02 21.20
CA ARG B 77 -22.19 1.34 19.80
C ARG B 77 -20.88 1.51 19.07
N TRP B 78 -20.90 1.26 17.76
CA TRP B 78 -19.74 1.37 16.89
C TRP B 78 -19.86 2.56 15.96
N LYS B 79 -18.70 3.07 15.54
CA LYS B 79 -18.64 4.16 14.56
C LYS B 79 -17.48 3.84 13.64
N LYS B 80 -17.71 3.87 12.33
CA LYS B 80 -16.65 3.62 11.37
C LYS B 80 -16.16 4.94 10.85
N ILE B 81 -14.85 5.17 10.88
CA ILE B 81 -14.29 6.39 10.30
C ILE B 81 -13.24 6.03 9.26
N ASN B 82 -13.15 6.84 8.20
CA ASN B 82 -12.17 6.60 7.16
C ASN B 82 -10.98 7.52 7.37
N THR B 83 -9.81 6.94 7.46
CA THR B 83 -8.59 7.70 7.70
C THR B 83 -7.85 8.02 6.40
N GLU B 84 -6.97 9.01 6.47
CA GLU B 84 -6.14 9.43 5.36
C GLU B 84 -4.66 9.52 5.86
N GLY B 85 -3.82 10.19 5.10
CA GLY B 85 -2.41 10.35 5.46
C GLY B 85 -1.62 9.13 5.02
N ASP B 86 -0.60 8.78 5.79
CA ASP B 86 0.28 7.65 5.53
C ASP B 86 -0.39 6.37 6.02
N VAL B 87 -1.53 6.01 5.41
CA VAL B 87 -2.27 4.82 5.84
C VAL B 87 -1.43 3.57 5.76
N PRO B 88 -1.24 2.87 6.89
CA PRO B 88 -0.44 1.63 6.83
C PRO B 88 -1.09 0.62 5.89
N PRO B 89 -0.31 -0.32 5.35
CA PRO B 89 -0.92 -1.39 4.55
C PRO B 89 -1.83 -2.24 5.46
N SER B 90 -2.83 -2.93 4.86
CA SER B 90 -3.70 -3.83 5.61
C SER B 90 -2.84 -4.95 6.22
N MET B 91 -2.92 -5.18 7.56
CA MET B 91 -2.05 -6.18 8.16
C MET B 91 -2.70 -6.99 9.25
N SER B 92 -2.17 -8.19 9.45
CA SER B 92 -2.52 -8.98 10.64
C SER B 92 -1.27 -8.95 11.55
N GLY B 93 -1.47 -9.17 12.85
CA GLY B 93 -0.35 -9.31 13.76
C GLY B 93 0.42 -8.04 14.09
N SER B 94 -0.12 -6.85 13.75
CA SER B 94 0.52 -5.60 14.16
C SER B 94 0.42 -5.42 15.66
N CYS B 95 1.26 -4.51 16.20
CA CYS B 95 1.33 -4.27 17.63
C CYS B 95 1.02 -2.79 17.86
N ALA B 96 -0.06 -2.50 18.59
CA ALA B 96 -0.47 -1.11 18.78
C ALA B 96 -0.65 -0.71 20.24
N VAL B 97 -0.57 0.61 20.51
CA VAL B 97 -0.79 1.20 21.81
C VAL B 97 -1.62 2.46 21.65
N CYS B 98 -2.24 2.92 22.75
CA CYS B 98 -2.94 4.20 22.80
C CYS B 98 -2.37 4.94 24.00
N VAL B 99 -1.68 6.04 23.77
CA VAL B 99 -1.07 6.81 24.86
C VAL B 99 -1.61 8.22 24.79
N ASP B 100 -2.44 8.63 25.78
CA ASP B 100 -3.07 9.96 25.78
C ASP B 100 -3.78 10.27 24.44
N ARG B 101 -4.52 9.28 23.95
CA ARG B 101 -5.31 9.35 22.72
C ARG B 101 -4.49 9.47 21.44
N VAL B 102 -3.19 9.18 21.51
CA VAL B 102 -2.37 9.09 20.31
C VAL B 102 -2.13 7.61 20.13
N LEU B 103 -2.49 7.08 18.96
CA LEU B 103 -2.32 5.66 18.70
C LEU B 103 -0.96 5.47 18.03
N TYR B 104 -0.25 4.39 18.38
CA TYR B 104 1.02 4.07 17.74
C TYR B 104 0.93 2.63 17.27
N LEU B 105 1.44 2.38 16.08
CA LEU B 105 1.35 1.04 15.45
C LEU B 105 2.75 0.61 14.96
N PHE B 106 3.16 -0.60 15.31
CA PHE B 106 4.45 -1.13 14.90
C PHE B 106 4.27 -2.52 14.28
N GLY B 107 5.04 -2.80 13.22
CA GLY B 107 5.11 -4.15 12.68
C GLY B 107 3.82 -4.69 12.11
N GLY B 108 3.76 -6.00 11.89
CA GLY B 108 2.62 -6.65 11.26
C GLY B 108 3.01 -7.43 10.02
N HIS B 109 2.03 -8.07 9.39
CA HIS B 109 2.26 -8.86 8.17
C HIS B 109 1.24 -8.41 7.15
N HIS B 110 1.71 -7.90 6.01
CA HIS B 110 0.86 -7.48 4.89
C HIS B 110 1.04 -8.49 3.71
N SER B 111 0.40 -8.26 2.55
CA SER B 111 0.50 -9.17 1.39
C SER B 111 1.94 -9.40 0.88
N ARG B 112 2.86 -8.49 1.18
CA ARG B 112 4.26 -8.65 0.79
C ARG B 112 5.20 -8.99 1.97
N GLY B 113 4.66 -9.45 3.08
CA GLY B 113 5.48 -9.89 4.20
C GLY B 113 5.47 -9.03 5.45
N ASN B 114 6.45 -9.28 6.32
CA ASN B 114 6.57 -8.53 7.58
C ASN B 114 7.18 -7.17 7.42
N THR B 115 6.86 -6.29 8.38
CA THR B 115 7.35 -4.92 8.38
C THR B 115 7.91 -4.54 9.73
N ASN B 116 8.73 -3.49 9.73
CA ASN B 116 9.23 -2.85 10.95
C ASN B 116 8.89 -1.35 10.97
N LYS B 117 7.94 -0.91 10.12
CA LYS B 117 7.52 0.47 10.09
C LYS B 117 6.72 0.82 11.33
N PHE B 118 6.79 2.12 11.69
CA PHE B 118 6.15 2.67 12.87
C PHE B 118 5.27 3.83 12.46
N TYR B 119 4.00 3.80 12.87
CA TYR B 119 3.01 4.83 12.53
C TYR B 119 2.38 5.44 13.78
N MET B 120 1.85 6.64 13.62
CA MET B 120 1.18 7.38 14.66
C MET B 120 -0.16 7.85 14.10
N LEU B 121 -1.18 7.83 14.93
CA LEU B 121 -2.50 8.35 14.55
C LEU B 121 -3.03 9.15 15.73
N ASP B 122 -2.95 10.48 15.65
CA ASP B 122 -3.44 11.35 16.70
C ASP B 122 -4.98 11.37 16.64
N SER B 123 -5.65 10.72 17.60
CA SER B 123 -7.10 10.69 17.62
C SER B 123 -7.72 11.81 18.48
N ARG B 124 -6.90 12.78 18.96
CA ARG B 124 -7.41 13.85 19.80
C ARG B 124 -8.39 14.78 19.09
N SER B 125 -8.09 15.21 17.85
CA SER B 125 -9.01 16.11 17.14
C SER B 125 -10.32 15.40 16.76
N VAL B 129 -10.87 14.86 9.90
CA VAL B 129 -10.46 13.57 9.36
C VAL B 129 -9.12 13.16 9.98
N LEU B 130 -9.06 11.93 10.50
CA LEU B 130 -7.85 11.45 11.13
C LEU B 130 -6.77 11.13 10.10
N GLN B 131 -5.53 11.52 10.40
CA GLN B 131 -4.41 11.30 9.49
C GLN B 131 -3.33 10.44 10.13
N TRP B 132 -2.97 9.37 9.43
CA TRP B 132 -1.89 8.50 9.83
C TRP B 132 -0.58 9.19 9.46
N GLU B 133 0.41 9.03 10.32
CA GLU B 133 1.74 9.55 10.05
C GLU B 133 2.75 8.41 10.20
N ARG B 134 3.50 8.12 9.14
CA ARG B 134 4.57 7.14 9.22
C ARG B 134 5.77 7.91 9.75
N ILE B 135 6.33 7.46 10.88
CA ILE B 135 7.42 8.19 11.51
C ILE B 135 8.79 7.73 11.04
N ASP B 136 9.65 8.70 10.65
CA ASP B 136 11.03 8.39 10.28
C ASP B 136 11.81 8.33 11.60
N CYS B 137 11.92 7.14 12.19
CA CYS B 137 12.56 6.98 13.48
C CYS B 137 14.08 7.04 13.38
N GLN B 138 14.72 7.62 14.39
CA GLN B 138 16.18 7.59 14.50
C GLN B 138 16.57 6.22 15.13
N GLY B 139 17.84 5.86 15.04
CA GLY B 139 18.32 4.60 15.60
C GLY B 139 18.02 3.38 14.75
N ILE B 140 18.42 2.19 15.23
CA ILE B 140 18.21 0.94 14.49
C ILE B 140 16.88 0.35 14.91
N PRO B 141 15.94 0.23 13.99
CA PRO B 141 14.62 -0.34 14.34
C PRO B 141 14.70 -1.84 14.60
N PRO B 142 13.65 -2.43 15.20
CA PRO B 142 13.64 -3.90 15.36
C PRO B 142 13.63 -4.56 13.99
N SER B 143 13.84 -5.89 13.96
CA SER B 143 13.72 -6.63 12.72
C SER B 143 12.22 -6.63 12.31
N SER B 144 11.91 -6.92 11.04
CA SER B 144 10.53 -6.93 10.57
C SER B 144 9.84 -8.17 11.16
N LYS B 145 8.70 -7.94 11.79
CA LYS B 145 8.04 -9.00 12.54
C LYS B 145 6.59 -8.69 12.85
N ASP B 146 5.88 -9.72 13.36
CA ASP B 146 4.51 -9.56 13.79
C ASP B 146 4.29 -10.42 15.04
N LYS B 147 3.06 -10.44 15.54
CA LYS B 147 2.69 -11.30 16.68
C LYS B 147 3.63 -11.13 17.88
N LEU B 148 3.78 -9.88 18.31
CA LEU B 148 4.63 -9.54 19.44
C LEU B 148 3.80 -8.89 20.58
N GLY B 149 4.46 -8.15 21.44
CA GLY B 149 3.78 -7.45 22.52
C GLY B 149 4.52 -6.18 22.89
N VAL B 150 3.83 -5.32 23.64
CA VAL B 150 4.43 -4.06 24.02
C VAL B 150 3.97 -3.64 25.43
N TRP B 151 4.86 -2.96 26.13
CA TRP B 151 4.61 -2.35 27.41
C TRP B 151 4.79 -0.84 27.23
N VAL B 152 3.95 -0.06 27.90
CA VAL B 152 4.06 1.39 27.87
C VAL B 152 4.57 1.84 29.22
N TYR B 153 5.62 2.66 29.25
CA TYR B 153 6.15 3.13 30.52
C TYR B 153 6.71 4.52 30.31
N LYS B 154 5.97 5.50 30.81
CA LYS B 154 6.30 6.91 30.69
C LYS B 154 6.44 7.27 29.20
N ASN B 155 7.58 7.79 28.77
CA ASN B 155 7.80 8.20 27.39
C ASN B 155 8.21 7.03 26.47
N LYS B 156 8.36 5.82 27.01
CA LYS B 156 8.86 4.70 26.25
C LYS B 156 7.77 3.70 25.84
N LEU B 157 7.93 3.18 24.61
CA LEU B 157 7.11 2.05 24.11
C LEU B 157 8.14 0.92 24.06
N ILE B 158 7.91 -0.15 24.80
CA ILE B 158 8.91 -1.23 24.92
C ILE B 158 8.33 -2.48 24.28
N PHE B 159 8.93 -2.88 23.16
CA PHE B 159 8.46 -4.01 22.36
C PHE B 159 9.23 -5.26 22.68
N PHE B 160 8.51 -6.41 22.71
CA PHE B 160 9.18 -7.66 23.04
C PHE B 160 8.75 -8.79 22.10
N GLY B 161 9.73 -9.53 21.60
CA GLY B 161 9.47 -10.78 20.90
C GLY B 161 8.91 -10.65 19.51
N GLY B 162 8.31 -11.73 19.01
CA GLY B 162 7.71 -11.70 17.69
C GLY B 162 8.20 -12.77 16.73
N TYR B 163 7.69 -12.72 15.49
CA TYR B 163 7.96 -13.72 14.45
C TYR B 163 8.26 -12.96 13.18
N GLY B 164 9.32 -13.32 12.51
CA GLY B 164 9.65 -12.66 11.25
C GLY B 164 11.00 -13.06 10.73
N TYR B 165 11.58 -12.17 9.94
CA TYR B 165 12.85 -12.49 9.27
C TYR B 165 14.04 -12.50 10.23
N LEU B 166 15.16 -13.17 9.83
CA LEU B 166 16.39 -13.20 10.61
C LEU B 166 16.89 -11.77 10.85
N PRO B 167 17.16 -11.40 12.10
CA PRO B 167 17.69 -10.06 12.39
C PRO B 167 19.20 -9.96 12.15
N GLU B 168 19.74 -8.73 12.12
CA GLU B 168 21.18 -8.54 11.96
C GLU B 168 21.92 -9.02 13.22
N ASP B 169 23.18 -9.39 13.04
CA ASP B 169 24.05 -9.89 14.10
C ASP B 169 24.16 -8.99 15.33
N LYS B 170 24.27 -7.68 15.12
CA LYS B 170 24.51 -6.73 16.21
C LYS B 170 23.27 -6.42 17.08
N VAL B 171 22.07 -6.85 16.65
CA VAL B 171 20.85 -6.68 17.45
C VAL B 171 21.02 -7.54 18.71
N LEU B 172 20.79 -6.94 19.87
CA LEU B 172 20.93 -7.65 21.13
C LEU B 172 19.78 -8.63 21.32
N GLY B 173 20.12 -9.82 21.76
CA GLY B 173 19.12 -10.87 21.96
C GLY B 173 19.37 -12.06 21.08
N THR B 174 18.40 -12.97 21.04
CA THR B 174 18.53 -14.18 20.26
C THR B 174 17.35 -14.39 19.31
N PHE B 175 17.59 -15.19 18.28
CA PHE B 175 16.60 -15.53 17.27
C PHE B 175 16.73 -17.02 17.04
N GLU B 176 15.60 -17.69 16.85
CA GLU B 176 15.56 -19.12 16.57
C GLU B 176 14.70 -19.37 15.34
N PHE B 177 15.26 -19.99 14.29
CA PHE B 177 14.47 -20.26 13.08
C PHE B 177 13.32 -21.23 13.35
N ASP B 178 12.24 -21.08 12.58
CA ASP B 178 11.11 -21.99 12.56
C ASP B 178 11.31 -22.89 11.31
N GLU B 179 11.76 -24.16 11.50
CA GLU B 179 12.07 -25.08 10.40
C GLU B 179 10.89 -25.27 9.42
N THR B 180 9.65 -25.10 9.90
CA THR B 180 8.48 -25.24 9.02
C THR B 180 8.37 -24.08 7.99
N SER B 181 9.12 -22.99 8.17
CA SER B 181 9.14 -21.89 7.21
C SER B 181 10.19 -22.06 6.10
N PHE B 182 11.08 -23.08 6.23
CA PHE B 182 12.19 -23.25 5.31
C PHE B 182 11.83 -23.62 3.88
N TRP B 183 10.73 -24.33 3.66
CA TRP B 183 10.45 -24.86 2.33
C TRP B 183 9.28 -24.29 1.54
N ASN B 184 8.23 -23.85 2.22
CA ASN B 184 7.05 -23.34 1.52
C ASN B 184 6.93 -21.83 1.64
N SER B 185 8.06 -21.16 1.40
CA SER B 185 8.22 -19.71 1.42
C SER B 185 9.59 -19.34 0.83
N SER B 186 9.75 -18.07 0.43
CA SER B 186 10.99 -17.60 -0.19
C SER B 186 12.02 -17.13 0.85
N HIS B 187 11.58 -16.77 2.07
CA HIS B 187 12.48 -16.31 3.12
C HIS B 187 12.19 -17.03 4.44
N PRO B 188 13.22 -17.61 5.10
CA PRO B 188 12.96 -18.30 6.37
C PRO B 188 12.62 -17.32 7.47
N ARG B 189 11.81 -17.78 8.43
CA ARG B 189 11.35 -16.95 9.53
C ARG B 189 11.54 -17.65 10.86
N GLY B 190 11.41 -16.90 11.95
CA GLY B 190 11.61 -17.46 13.27
C GLY B 190 11.25 -16.51 14.38
N TRP B 191 11.45 -16.97 15.61
CA TRP B 191 11.09 -16.22 16.80
C TRP B 191 12.26 -15.46 17.38
N ASN B 192 11.97 -14.35 18.06
CA ASN B 192 13.01 -13.61 18.77
C ASN B 192 12.58 -13.32 20.22
N ASP B 193 13.58 -13.00 21.07
CA ASP B 193 13.34 -12.57 22.45
C ASP B 193 13.77 -11.09 22.61
N HIS B 194 13.82 -10.33 21.52
CA HIS B 194 14.36 -8.97 21.57
C HIS B 194 13.51 -8.01 22.35
N VAL B 195 14.18 -7.09 23.04
CA VAL B 195 13.51 -5.99 23.70
C VAL B 195 14.00 -4.72 22.97
N HIS B 196 13.09 -3.89 22.47
CA HIS B 196 13.44 -2.63 21.84
C HIS B 196 12.62 -1.51 22.46
N ILE B 197 13.21 -0.34 22.62
CA ILE B 197 12.51 0.83 23.12
C ILE B 197 12.36 1.81 21.97
N LEU B 198 11.16 2.37 21.82
CA LEU B 198 10.91 3.50 20.93
C LEU B 198 10.65 4.63 21.92
N ASP B 199 11.56 5.60 21.98
CA ASP B 199 11.43 6.72 22.91
C ASP B 199 10.59 7.79 22.21
N THR B 200 9.40 8.08 22.73
CA THR B 200 8.53 9.07 22.10
C THR B 200 9.03 10.51 22.27
N GLU B 201 10.03 10.79 23.14
CA GLU B 201 10.56 12.15 23.26
C GLU B 201 11.31 12.55 21.96
N THR B 202 11.92 11.56 21.27
CA THR B 202 12.73 11.84 20.08
C THR B 202 12.44 10.91 18.90
N PHE B 203 11.51 9.95 19.06
CA PHE B 203 11.21 8.88 18.11
C PHE B 203 12.51 8.18 17.72
N THR B 204 13.28 7.75 18.75
CA THR B 204 14.55 7.07 18.53
C THR B 204 14.44 5.65 19.07
N TRP B 205 14.89 4.68 18.27
CA TRP B 205 14.94 3.29 18.69
C TRP B 205 16.23 3.02 19.46
N SER B 206 16.14 2.14 20.45
CA SER B 206 17.31 1.69 21.19
C SER B 206 17.00 0.33 21.79
N GLN B 207 18.01 -0.30 22.40
CA GLN B 207 17.81 -1.57 23.08
C GLN B 207 18.46 -1.44 24.43
N PRO B 208 17.71 -1.73 25.48
CA PRO B 208 18.30 -1.67 26.82
C PRO B 208 19.17 -2.88 27.06
N ILE B 209 20.17 -2.71 27.92
CA ILE B 209 21.02 -3.81 28.35
C ILE B 209 20.29 -4.40 29.53
N THR B 210 19.79 -5.62 29.38
CA THR B 210 19.06 -6.27 30.45
C THR B 210 19.93 -7.18 31.31
N THR B 211 19.46 -7.50 32.52
CA THR B 211 20.04 -8.51 33.39
C THR B 211 18.97 -9.58 33.66
N GLY B 212 19.39 -10.73 34.16
CA GLY B 212 18.48 -11.84 34.39
C GLY B 212 18.25 -12.65 33.12
N LYS B 213 17.55 -13.75 33.26
CA LYS B 213 17.29 -14.64 32.13
C LYS B 213 16.04 -14.17 31.40
N ALA B 214 16.17 -13.75 30.15
CA ALA B 214 15.00 -13.35 29.36
C ALA B 214 14.14 -14.58 29.10
N PRO B 215 12.82 -14.44 28.87
CA PRO B 215 12.03 -15.60 28.42
C PRO B 215 12.61 -16.05 27.08
N SER B 216 12.37 -17.31 26.71
CA SER B 216 12.81 -17.81 25.41
C SER B 216 12.23 -16.91 24.28
N PRO B 217 12.85 -16.93 23.09
CA PRO B 217 12.20 -16.29 21.93
C PRO B 217 10.75 -16.80 21.78
N ARG B 218 9.82 -15.94 21.36
CA ARG B 218 8.42 -16.38 21.24
C ARG B 218 7.61 -15.40 20.43
N ALA B 219 6.46 -15.86 19.93
CA ALA B 219 5.51 -15.00 19.27
C ALA B 219 4.11 -15.39 19.74
N ALA B 220 3.15 -14.48 19.58
CA ALA B 220 1.76 -14.73 19.99
C ALA B 220 1.64 -14.92 21.54
N HIS B 221 2.62 -14.40 22.27
CA HIS B 221 2.61 -14.27 23.72
C HIS B 221 1.70 -13.04 24.01
N ALA B 222 1.42 -12.78 25.29
CA ALA B 222 0.64 -11.59 25.65
C ALA B 222 1.39 -10.81 26.71
N CYS B 223 1.40 -9.49 26.56
CA CYS B 223 2.06 -8.57 27.46
C CYS B 223 1.03 -7.74 28.21
N ALA B 224 1.35 -7.38 29.44
CA ALA B 224 0.48 -6.50 30.22
C ALA B 224 1.39 -5.70 31.13
N THR B 225 1.08 -4.43 31.33
CA THR B 225 1.93 -3.59 32.19
C THR B 225 1.20 -3.15 33.45
N VAL B 226 1.86 -3.20 34.62
CA VAL B 226 1.33 -2.64 35.86
C VAL B 226 2.49 -1.93 36.52
N GLY B 227 2.39 -0.62 36.66
CA GLY B 227 3.48 0.20 37.19
C GLY B 227 4.73 0.09 36.33
N ASN B 228 5.83 -0.29 36.98
CA ASN B 228 7.09 -0.50 36.26
C ASN B 228 7.34 -1.98 35.96
N ARG B 229 6.29 -2.82 35.99
CA ARG B 229 6.47 -4.23 35.68
C ARG B 229 5.82 -4.59 34.36
N GLY B 230 6.63 -5.08 33.44
CA GLY B 230 6.13 -5.48 32.14
C GLY B 230 5.96 -6.98 32.11
N PHE B 231 4.74 -7.47 32.36
CA PHE B 231 4.48 -8.92 32.38
C PHE B 231 4.37 -9.52 31.01
N VAL B 232 4.77 -10.79 30.88
CA VAL B 232 4.60 -11.52 29.62
C VAL B 232 4.22 -12.94 29.95
N PHE B 233 3.16 -13.45 29.30
CA PHE B 233 2.69 -14.80 29.58
C PHE B 233 2.58 -15.60 28.30
N GLY B 234 3.04 -16.85 28.35
CA GLY B 234 2.86 -17.78 27.27
C GLY B 234 3.42 -17.39 25.93
N GLY B 235 2.81 -17.92 24.87
CA GLY B 235 3.27 -17.71 23.52
C GLY B 235 3.82 -19.00 22.89
N ARG B 236 4.12 -18.93 21.63
CA ARG B 236 4.61 -20.06 20.84
C ARG B 236 6.13 -20.00 20.71
N TYR B 237 6.81 -21.14 20.88
CA TYR B 237 8.25 -21.25 20.67
C TYR B 237 8.49 -22.70 20.29
N ARG B 238 9.10 -22.95 19.15
CA ARG B 238 9.40 -24.31 18.66
C ARG B 238 8.09 -25.15 18.56
N ASP B 239 7.97 -26.31 19.23
CA ASP B 239 6.73 -27.10 19.14
C ASP B 239 5.77 -26.84 20.29
N ALA B 240 5.99 -25.78 21.08
CA ALA B 240 5.20 -25.58 22.29
C ALA B 240 4.47 -24.27 22.32
N ARG B 241 3.31 -24.28 22.99
CA ARG B 241 2.57 -23.09 23.33
C ARG B 241 2.65 -23.12 24.85
N MET B 242 3.36 -22.11 25.38
CA MET B 242 3.89 -22.08 26.72
C MET B 242 3.02 -21.50 27.83
N ASN B 243 3.32 -21.94 29.07
CA ASN B 243 2.57 -21.58 30.27
C ASN B 243 3.39 -20.73 31.25
N ASP B 244 4.55 -20.20 30.83
CA ASP B 244 5.41 -19.45 31.71
C ASP B 244 5.04 -17.98 31.82
N LEU B 245 5.39 -17.40 32.98
CA LEU B 245 5.07 -16.02 33.29
C LEU B 245 6.33 -15.32 33.76
N HIS B 246 6.64 -14.17 33.15
CA HIS B 246 7.81 -13.40 33.55
C HIS B 246 7.42 -11.94 33.62
N TYR B 247 8.32 -11.11 34.19
CA TYR B 247 8.15 -9.67 34.07
C TYR B 247 9.50 -9.02 33.90
N LEU B 248 9.53 -7.98 33.10
CA LEU B 248 10.74 -7.18 32.94
C LEU B 248 10.54 -5.92 33.80
N ASN B 249 11.50 -5.59 34.66
CA ASN B 249 11.41 -4.37 35.45
C ASN B 249 11.75 -3.23 34.47
N LEU B 250 10.81 -2.33 34.24
CA LEU B 250 10.96 -1.28 33.23
C LEU B 250 11.81 -0.08 33.70
N ASP B 251 12.30 -0.11 34.94
CA ASP B 251 13.21 0.90 35.49
C ASP B 251 14.65 0.37 35.43
N THR B 252 14.85 -0.87 35.89
CA THR B 252 16.18 -1.46 36.00
C THR B 252 16.59 -2.38 34.87
N TRP B 253 15.63 -2.83 34.07
CA TRP B 253 15.84 -3.75 32.97
C TRP B 253 16.28 -5.13 33.45
N GLU B 254 15.77 -5.54 34.61
CA GLU B 254 16.01 -6.87 35.16
C GLU B 254 14.83 -7.80 34.86
N TRP B 255 15.09 -8.96 34.25
CA TRP B 255 14.07 -9.96 34.01
C TRP B 255 13.85 -10.77 35.27
N ASN B 256 12.61 -11.17 35.51
CA ASN B 256 12.24 -12.00 36.64
C ASN B 256 11.29 -13.09 36.16
N GLU B 257 11.47 -14.34 36.64
CA GLU B 257 10.52 -15.40 36.32
C GLU B 257 9.57 -15.56 37.50
N LEU B 258 8.28 -15.67 37.23
CA LEU B 258 7.30 -15.85 38.30
C LEU B 258 6.88 -17.31 38.30
N ILE B 259 6.90 -17.94 39.49
CA ILE B 259 6.51 -19.34 39.64
C ILE B 259 5.31 -19.39 40.57
N PRO B 260 4.08 -19.18 40.07
CA PRO B 260 2.92 -19.22 40.94
C PRO B 260 2.73 -20.63 41.51
N GLN B 261 2.32 -20.72 42.76
CA GLN B 261 2.10 -22.03 43.38
C GLN B 261 0.68 -22.49 43.12
N GLY B 262 0.53 -23.80 43.07
CA GLY B 262 -0.76 -24.40 42.80
C GLY B 262 -1.06 -24.46 41.32
N ILE B 263 -2.33 -24.53 41.00
CA ILE B 263 -2.81 -24.68 39.64
C ILE B 263 -2.57 -23.43 38.81
N CYS B 264 -2.02 -23.64 37.60
CA CYS B 264 -1.75 -22.60 36.63
C CYS B 264 -2.54 -22.88 35.36
N PRO B 265 -2.85 -21.84 34.57
CA PRO B 265 -3.57 -22.06 33.31
C PRO B 265 -2.74 -22.88 32.32
N VAL B 266 -3.43 -23.59 31.45
CA VAL B 266 -2.75 -24.39 30.44
C VAL B 266 -1.94 -23.48 29.49
N GLY B 267 -0.81 -23.99 29.02
CA GLY B 267 0.03 -23.25 28.08
C GLY B 267 -0.74 -22.90 26.83
N ARG B 268 -0.44 -21.72 26.27
CA ARG B 268 -1.20 -21.25 25.13
C ARG B 268 -0.51 -20.12 24.40
N SER B 269 -0.98 -19.84 23.18
CA SER B 269 -0.62 -18.63 22.43
C SER B 269 -1.93 -17.94 21.99
N TRP B 270 -1.83 -16.74 21.42
CA TRP B 270 -3.00 -16.06 20.85
C TRP B 270 -4.11 -15.75 21.88
N HIS B 271 -3.72 -15.66 23.14
CA HIS B 271 -4.56 -15.30 24.27
C HIS B 271 -4.38 -13.79 24.56
N SER B 272 -5.26 -13.25 25.39
CA SER B 272 -5.13 -11.88 25.83
C SER B 272 -4.80 -11.85 27.32
N LEU B 273 -4.02 -10.83 27.75
CA LEU B 273 -3.61 -10.65 29.14
C LEU B 273 -3.76 -9.15 29.39
N THR B 274 -4.71 -8.77 30.22
CA THR B 274 -5.07 -7.36 30.39
C THR B 274 -4.99 -6.91 31.82
N PRO B 275 -4.29 -5.81 32.12
CA PRO B 275 -4.31 -5.32 33.50
C PRO B 275 -5.71 -4.78 33.83
N VAL B 276 -6.24 -5.16 35.00
CA VAL B 276 -7.56 -4.66 35.42
C VAL B 276 -7.51 -3.88 36.74
N SER B 277 -6.37 -3.87 37.41
CA SER B 277 -6.19 -3.12 38.66
C SER B 277 -4.67 -3.03 38.89
N SER B 278 -4.27 -2.35 39.97
CA SER B 278 -2.86 -2.30 40.33
C SER B 278 -2.35 -3.68 40.82
N ASP B 279 -3.23 -4.71 40.91
CA ASP B 279 -2.82 -6.01 41.44
C ASP B 279 -3.35 -7.21 40.68
N HIS B 280 -4.02 -7.00 39.51
CA HIS B 280 -4.62 -8.14 38.81
C HIS B 280 -4.48 -8.04 37.30
N LEU B 281 -4.16 -9.18 36.68
CA LEU B 281 -4.08 -9.32 35.22
C LEU B 281 -5.19 -10.30 34.84
N PHE B 282 -5.91 -10.01 33.76
CA PHE B 282 -7.00 -10.86 33.34
C PHE B 282 -6.60 -11.60 32.06
N LEU B 283 -6.67 -12.93 32.09
CA LEU B 283 -6.31 -13.79 30.99
C LEU B 283 -7.56 -14.39 30.34
N PHE B 284 -7.63 -14.34 29.01
CA PHE B 284 -8.72 -15.02 28.31
C PHE B 284 -8.30 -15.68 27.01
N GLY B 285 -8.86 -16.88 26.79
CA GLY B 285 -8.77 -17.57 25.52
C GLY B 285 -7.41 -18.08 25.11
N GLY B 286 -7.24 -18.25 23.81
CA GLY B 286 -5.98 -18.74 23.27
C GLY B 286 -6.08 -20.10 22.61
N PHE B 287 -4.92 -20.72 22.41
CA PHE B 287 -4.80 -21.92 21.61
C PHE B 287 -3.71 -22.79 22.23
N THR B 288 -4.02 -24.05 22.58
CA THR B 288 -3.03 -24.88 23.27
C THR B 288 -2.02 -25.54 22.30
N THR B 289 -0.99 -26.18 22.83
CA THR B 289 0.01 -26.91 22.03
C THR B 289 -0.68 -27.92 21.11
N ASP B 290 -1.73 -28.56 21.64
CA ASP B 290 -2.48 -29.58 20.91
C ASP B 290 -3.68 -29.01 20.16
N LYS B 291 -3.62 -27.72 19.79
CA LYS B 291 -4.58 -27.05 18.94
C LYS B 291 -6.00 -26.96 19.47
N GLN B 292 -6.15 -26.86 20.78
CA GLN B 292 -7.46 -26.69 21.38
C GLN B 292 -7.76 -25.19 21.54
N PRO B 293 -8.83 -24.70 20.90
CA PRO B 293 -9.27 -23.31 21.14
C PRO B 293 -9.77 -23.21 22.60
N LEU B 294 -9.40 -22.13 23.30
CA LEU B 294 -9.75 -21.98 24.71
C LEU B 294 -10.81 -20.93 24.99
N SER B 295 -11.67 -21.22 25.97
CA SER B 295 -12.67 -20.28 26.48
C SER B 295 -12.49 -20.04 27.97
N ASP B 296 -11.40 -20.53 28.59
CA ASP B 296 -11.19 -20.29 30.02
C ASP B 296 -10.68 -18.88 30.26
N ALA B 297 -10.98 -18.37 31.43
CA ALA B 297 -10.55 -17.03 31.84
C ALA B 297 -10.01 -17.14 33.26
N TRP B 298 -8.99 -16.36 33.58
CA TRP B 298 -8.36 -16.40 34.89
C TRP B 298 -7.91 -15.01 35.27
N THR B 299 -7.69 -14.82 36.57
CA THR B 299 -7.07 -13.59 37.03
C THR B 299 -5.77 -13.98 37.73
N TYR B 300 -4.69 -13.26 37.45
CA TYR B 300 -3.43 -13.47 38.13
C TYR B 300 -3.33 -12.34 39.14
N CYS B 301 -3.21 -12.72 40.39
CA CYS B 301 -3.10 -11.74 41.47
C CYS B 301 -1.63 -11.57 41.72
N ILE B 302 -1.12 -10.37 41.51
CA ILE B 302 0.31 -10.10 41.61
C ILE B 302 0.80 -10.23 43.03
N SER B 303 0.05 -9.67 43.98
CA SER B 303 0.44 -9.69 45.39
C SER B 303 0.48 -11.08 45.97
N LYS B 304 -0.44 -11.95 45.56
CA LYS B 304 -0.47 -13.33 46.04
C LYS B 304 0.36 -14.28 45.19
N ASN B 305 0.76 -13.87 43.96
CA ASN B 305 1.49 -14.70 42.98
C ASN B 305 0.67 -15.98 42.74
N GLU B 306 -0.62 -15.79 42.44
CA GLU B 306 -1.54 -16.91 42.30
C GLU B 306 -2.53 -16.65 41.18
N TRP B 307 -2.94 -17.71 40.50
CA TRP B 307 -3.97 -17.67 39.49
C TRP B 307 -5.28 -18.13 40.10
N ILE B 308 -6.37 -17.42 39.75
CA ILE B 308 -7.72 -17.73 40.22
C ILE B 308 -8.58 -17.88 38.97
N GLN B 309 -9.17 -19.06 38.72
CA GLN B 309 -10.03 -19.22 37.54
C GLN B 309 -11.27 -18.34 37.65
N PHE B 310 -11.64 -17.67 36.55
CA PHE B 310 -12.74 -16.72 36.49
C PHE B 310 -13.94 -17.33 35.81
N ASN B 311 -15.07 -17.41 36.54
CA ASN B 311 -16.29 -17.97 35.93
C ASN B 311 -16.98 -16.88 35.13
N HIS B 312 -17.47 -17.25 33.95
CA HIS B 312 -18.06 -16.27 33.04
C HIS B 312 -19.10 -16.94 32.12
N PRO B 313 -19.94 -16.15 31.40
CA PRO B 313 -21.00 -16.77 30.58
C PRO B 313 -20.60 -17.14 29.16
N TYR B 314 -19.30 -17.12 28.84
CA TYR B 314 -18.86 -17.40 27.46
C TYR B 314 -18.07 -18.70 27.31
N THR B 315 -18.38 -19.76 28.11
CA THR B 315 -17.65 -21.03 27.97
C THR B 315 -17.79 -21.65 26.56
N GLU B 316 -18.91 -21.36 25.87
CA GLU B 316 -19.12 -21.85 24.51
C GLU B 316 -18.61 -20.89 23.44
N LYS B 317 -17.83 -19.86 23.82
CA LYS B 317 -17.26 -18.92 22.89
C LYS B 317 -15.74 -18.84 23.05
N PRO B 318 -15.03 -19.95 22.76
CA PRO B 318 -13.56 -19.88 22.76
C PRO B 318 -13.09 -18.89 21.72
N ARG B 319 -11.98 -18.19 22.00
CA ARG B 319 -11.45 -17.24 21.02
C ARG B 319 -9.93 -17.32 21.03
N LEU B 320 -9.33 -17.21 19.85
CA LEU B 320 -7.88 -17.09 19.74
C LEU B 320 -7.59 -15.98 18.74
N TRP B 321 -6.57 -15.17 19.03
CA TRP B 321 -6.22 -14.04 18.16
C TRP B 321 -7.27 -12.91 18.16
N HIS B 322 -8.05 -12.86 19.22
CA HIS B 322 -8.99 -11.79 19.53
C HIS B 322 -8.15 -10.69 20.18
N THR B 323 -8.78 -9.56 20.49
CA THR B 323 -8.13 -8.52 21.28
C THR B 323 -8.93 -8.33 22.59
N ALA B 324 -8.32 -7.70 23.60
CA ALA B 324 -9.02 -7.36 24.84
C ALA B 324 -8.58 -6.00 25.33
N CYS B 325 -9.53 -5.18 25.74
CA CYS B 325 -9.21 -3.85 26.27
C CYS B 325 -9.96 -3.67 27.55
N ALA B 326 -9.32 -3.12 28.58
CA ALA B 326 -10.00 -2.83 29.84
C ALA B 326 -10.71 -1.49 29.75
N SER B 327 -11.90 -1.38 30.33
CA SER B 327 -12.61 -0.10 30.38
C SER B 327 -12.40 0.55 31.75
N ASP B 328 -12.70 1.85 31.84
CA ASP B 328 -12.69 2.59 33.10
C ASP B 328 -13.78 2.09 34.08
N GLU B 329 -14.69 1.21 33.64
CA GLU B 329 -15.75 0.68 34.49
C GLU B 329 -15.49 -0.74 35.03
N GLY B 330 -14.25 -1.20 34.95
CA GLY B 330 -13.88 -2.51 35.47
C GLY B 330 -14.20 -3.69 34.57
N GLU B 331 -14.56 -3.41 33.29
CA GLU B 331 -14.89 -4.50 32.37
C GLU B 331 -13.72 -4.78 31.44
N VAL B 332 -13.66 -6.00 30.88
CA VAL B 332 -12.68 -6.31 29.84
C VAL B 332 -13.51 -6.59 28.58
N ILE B 333 -13.24 -5.82 27.51
CA ILE B 333 -13.96 -5.93 26.26
C ILE B 333 -13.14 -6.73 25.27
N VAL B 334 -13.64 -7.90 24.90
CA VAL B 334 -12.99 -8.79 23.93
C VAL B 334 -13.67 -8.65 22.59
N PHE B 335 -12.89 -8.52 21.53
CA PHE B 335 -13.46 -8.39 20.18
C PHE B 335 -12.73 -9.29 19.20
N GLY B 336 -13.49 -9.83 18.24
CA GLY B 336 -12.91 -10.59 17.15
C GLY B 336 -12.25 -11.88 17.54
N GLY B 337 -11.28 -12.28 16.73
CA GLY B 337 -10.60 -13.54 16.93
C GLY B 337 -11.38 -14.69 16.31
N CYS B 338 -10.85 -15.88 16.45
CA CYS B 338 -11.39 -17.06 15.79
C CYS B 338 -11.86 -18.10 16.82
N ALA B 339 -12.99 -18.77 16.57
CA ALA B 339 -13.54 -19.73 17.55
C ALA B 339 -12.96 -21.14 17.43
N ASN B 340 -12.26 -21.43 16.32
CA ASN B 340 -11.68 -22.75 16.11
C ASN B 340 -10.24 -22.65 15.60
N ASN B 341 -9.67 -23.78 15.14
CA ASN B 341 -8.31 -23.78 14.64
C ASN B 341 -8.27 -23.00 13.35
N LEU B 342 -7.78 -21.75 13.43
CA LEU B 342 -7.69 -20.91 12.23
C LEU B 342 -6.65 -21.36 11.22
N LEU B 343 -5.77 -22.31 11.59
CA LEU B 343 -4.80 -22.85 10.66
C LEU B 343 -5.47 -23.67 9.54
N VAL B 344 -6.74 -24.10 9.73
CA VAL B 344 -7.47 -24.73 8.63
C VAL B 344 -8.27 -23.55 8.06
N HIS B 345 -7.66 -22.82 7.13
CA HIS B 345 -8.24 -21.55 6.68
C HIS B 345 -9.66 -21.63 6.16
N HIS B 346 -10.00 -22.67 5.37
CA HIS B 346 -11.35 -22.78 4.81
C HIS B 346 -12.44 -23.15 5.82
N ARG B 347 -12.04 -23.57 7.04
CA ARG B 347 -12.92 -23.95 8.14
C ARG B 347 -12.94 -22.83 9.24
N ALA B 348 -12.02 -21.85 9.19
CA ALA B 348 -11.90 -20.85 10.26
C ALA B 348 -13.19 -20.07 10.56
N ALA B 349 -13.54 -19.97 11.86
CA ALA B 349 -14.75 -19.29 12.30
C ALA B 349 -14.38 -17.93 12.93
N HIS B 350 -14.02 -16.97 12.09
CA HIS B 350 -13.68 -15.64 12.57
C HIS B 350 -14.94 -14.96 13.12
N SER B 351 -14.76 -14.13 14.13
CA SER B 351 -15.89 -13.52 14.81
C SER B 351 -15.87 -12.01 14.78
N ASN B 352 -17.06 -11.40 14.87
CA ASN B 352 -17.15 -9.96 15.10
C ASN B 352 -17.90 -9.70 16.44
N GLU B 353 -17.96 -10.69 17.34
CA GLU B 353 -18.65 -10.52 18.60
C GLU B 353 -17.84 -9.75 19.61
N ILE B 354 -18.54 -8.97 20.43
CA ILE B 354 -18.00 -8.31 21.60
C ILE B 354 -18.38 -9.21 22.78
N LEU B 355 -17.38 -9.64 23.55
CA LEU B 355 -17.58 -10.45 24.75
C LEU B 355 -17.23 -9.49 25.91
N ILE B 356 -18.15 -9.27 26.87
CA ILE B 356 -17.90 -8.34 27.98
C ILE B 356 -17.69 -9.09 29.28
N PHE B 357 -16.51 -8.97 29.89
CA PHE B 357 -16.20 -9.63 31.15
C PHE B 357 -16.29 -8.64 32.30
N SER B 358 -17.10 -8.93 33.33
CA SER B 358 -17.21 -8.02 34.48
C SER B 358 -16.19 -8.47 35.50
N VAL B 359 -14.97 -7.97 35.37
CA VAL B 359 -13.86 -8.44 36.20
C VAL B 359 -13.78 -7.77 37.57
N GLN B 360 -13.76 -6.45 37.63
CA GLN B 360 -13.67 -5.73 38.91
C GLN B 360 -14.90 -4.85 39.12
C1 GOL C . 2.76 6.87 -23.17
O1 GOL C . 2.35 6.04 -24.27
C2 GOL C . 4.26 6.82 -22.90
O2 GOL C . 4.94 6.93 -24.13
C3 GOL C . 4.71 7.92 -21.99
O3 GOL C . 6.13 7.80 -21.72
C1 GOL D . 12.65 18.50 -18.69
O1 GOL D . 12.81 19.62 -17.83
C2 GOL D . 12.95 17.24 -17.92
O2 GOL D . 12.54 16.07 -18.63
C3 GOL D . 14.42 17.17 -17.58
O3 GOL D . 14.55 16.54 -16.32
C1 GOL E . -9.43 0.16 -38.24
O1 GOL E . -10.15 1.13 -37.51
C2 GOL E . -8.80 -0.89 -37.36
O2 GOL E . -9.82 -1.64 -36.72
C3 GOL E . -7.97 -1.78 -38.27
O3 GOL E . -7.37 -2.87 -37.60
C1 GOL F . -3.05 3.53 -42.83
O1 GOL F . -3.40 4.90 -42.98
C2 GOL F . -1.81 3.34 -41.99
O2 GOL F . -2.13 3.01 -40.62
C3 GOL F . -0.88 2.33 -42.62
O3 GOL F . -0.36 2.84 -43.85
C1 GOL G . -6.92 -12.14 -29.43
O1 GOL G . -7.39 -11.07 -30.22
C2 GOL G . -5.71 -12.77 -30.06
O2 GOL G . -5.46 -14.03 -29.42
C3 GOL G . -5.87 -12.96 -31.54
O3 GOL G . -5.07 -12.03 -32.27
O1 ZWS H . -10.37 2.71 -22.32
C11 ZWS H . -9.69 -0.89 -20.68
C12 ZWS H . -9.03 -0.52 -21.80
C13 ZWS H . -10.18 1.62 -21.79
C14 ZWS H . -10.86 1.19 -20.59
C15 ZWS H . -10.62 -0.02 -20.05
C16 ZWS H . -8.46 1.15 -23.49
C17 ZWS H . -8.87 0.32 -24.68
C1 ZWS H . -11.06 -5.59 -20.12
C2 ZWS H . -10.06 -4.47 -19.94
C3 ZWS H . -10.33 -3.23 -20.42
C4 ZWS H . -8.22 -2.34 -19.52
C6 ZWS H . -8.82 -4.68 -19.26
O2 ZWS H . -9.71 -0.59 -24.62
C21 ZWS H . -14.44 -5.11 -25.22
C22 ZWS H . -16.71 -5.64 -25.10
O4 ZWS H . -12.08 -3.40 -23.95
C19 ZWS H . -12.35 -4.25 -23.13
O5 ZWS H . -12.91 -5.43 -23.41
C20 ZWS H . -13.11 -5.70 -24.82
O6 ZWS H . -15.44 -5.67 -24.43
N ZWS H . -12.10 -4.12 -21.81
C18 ZWS H . -11.48 -2.89 -21.32
N1 ZWS H . -9.43 -2.19 -20.19
O ZWS H . -7.48 -1.37 -19.36
C5 ZWS H . -7.92 -3.69 -19.05
C7 ZWS H . -6.57 -3.81 -18.41
C10 ZWS H . -5.85 -5.10 -18.78
C8 ZWS H . -6.59 -3.51 -16.91
C9 ZWS H . -6.25 -2.04 -16.64
C ZWS H . -12.36 -5.12 -20.77
N2 ZWS H . -9.25 0.73 -22.33
O3 ZWS H . -8.24 0.67 -25.76
C1 GOL I . -3.61 -8.90 22.46
O1 GOL I . -4.07 -10.25 22.72
C2 GOL I . -4.73 -7.87 22.49
O2 GOL I . -5.54 -8.11 23.61
C3 GOL I . -4.21 -6.45 22.56
O3 GOL I . -5.29 -5.49 22.60
C1 GOL J . -7.51 -25.77 35.77
O1 GOL J . -8.87 -25.60 35.38
C2 GOL J . -6.63 -26.11 34.58
O2 GOL J . -7.27 -25.67 33.40
C3 GOL J . -5.30 -25.40 34.71
O3 GOL J . -4.25 -26.28 35.11
C1 GOL K . 23.33 -1.82 21.74
O1 GOL K . 24.24 -2.33 22.71
C2 GOL K . 22.53 -0.68 22.31
O2 GOL K . 22.02 -1.05 23.60
C3 GOL K . 21.39 -0.36 21.39
O3 GOL K . 20.68 0.81 21.79
C1 GOL L . -8.20 -28.64 14.10
O1 GOL L . -8.66 -28.41 12.77
C2 GOL L . -9.41 -28.73 14.98
O2 GOL L . -10.38 -29.56 14.38
C3 GOL L . -9.18 -29.11 16.43
O3 GOL L . -8.59 -28.03 17.11
O1 ZWS M . 4.54 -18.21 16.40
C11 ZWS M . 2.36 -18.90 13.08
C12 ZWS M . 1.77 -18.85 14.30
C13 ZWS M . 3.92 -18.48 15.37
C14 ZWS M . 4.52 -18.56 14.06
C15 ZWS M . 3.77 -18.75 12.96
C16 ZWS M . 1.86 -18.71 16.72
C17 ZWS M . 1.38 -20.10 17.01
C1 ZWS M . 0.77 -21.89 9.50
C2 ZWS M . 0.70 -20.59 10.25
C3 ZWS M . 1.50 -20.38 11.34
C4 ZWS M . 0.62 -18.09 11.64
C6 ZWS M . -0.20 -19.52 9.87
O2 ZWS M . 1.57 -21.06 16.26
C21 ZWS M . 2.31 -26.70 13.15
C22 ZWS M . 4.53 -26.08 12.80
O4 ZWS M . 1.86 -23.52 13.63
C19 ZWS M . 1.76 -23.70 12.44
O5 ZWS M . 1.43 -24.87 11.87
C20 ZWS M . 1.07 -25.94 12.78
O6 ZWS M . 3.31 -26.43 12.18
N ZWS M . 1.95 -22.74 11.51
C18 ZWS M . 2.39 -21.41 11.93
N1 ZWS M . 1.48 -19.14 11.99
O ZWS M . 0.65 -17.04 12.26
C5 ZWS M . -0.27 -18.35 10.53
C7 ZWS M . -1.30 -17.26 10.31
C10 ZWS M . -2.66 -17.80 9.87
C8 ZWS M . -0.78 -16.10 9.47
C9 ZWS M . -0.03 -15.01 10.26
C ZWS M . 1.80 -22.88 10.06
N2 ZWS M . 2.53 -18.65 15.42
O3 ZWS M . 0.72 -20.20 18.13
#